data_1G33
# 
_entry.id   1G33 
# 
_audit_conform.dict_name       mmcif_pdbx.dic 
_audit_conform.dict_version    5.376 
_audit_conform.dict_location   http://mmcif.pdb.org/dictionaries/ascii/mmcif_pdbx.dic 
# 
loop_
_database_2.database_id 
_database_2.database_code 
_database_2.pdbx_database_accession 
_database_2.pdbx_DOI 
PDB   1G33         pdb_00001g33 10.2210/pdb1g33/pdb 
RCSB  RCSB012172   ?            ?                   
WWPDB D_1000012172 ?            ?                   
# 
_pdbx_database_status.status_code                     REL 
_pdbx_database_status.entry_id                        1G33 
_pdbx_database_status.recvd_initial_deposition_date   2000-10-23 
_pdbx_database_status.deposit_site                    RCSB 
_pdbx_database_status.process_site                    RCSB 
_pdbx_database_status.SG_entry                        . 
_pdbx_database_status.pdb_format_compatible           Y 
_pdbx_database_status.status_code_mr                  ? 
_pdbx_database_status.status_code_sf                  ? 
_pdbx_database_status.status_code_cs                  ? 
_pdbx_database_status.status_code_nmr_data            ? 
_pdbx_database_status.methods_development_category    ? 
# 
loop_
_audit_author.name 
_audit_author.pdbx_ordinal 
'Thepaut, M.'     1 
'Strub, M.P.'     2 
'Cave, A.'        3 
'Baneres, J.L.'   4 
'Berchtold, M.W.' 5 
'Dumas, C.'       6 
'Padilla, A.'     7 
# 
_citation.id                        primary 
_citation.title                     
;Structure of rat parvalbumin with deleted AB domain: implications for the evolution of EF hand calcium-binding proteins and possible physiological relevance.
;
_citation.journal_abbrev            Proteins 
_citation.journal_volume            45 
_citation.page_first                117 
_citation.page_last                 128 
_citation.year                      2001 
_citation.journal_id_ASTM           PSFGEY 
_citation.country                   US 
_citation.journal_id_ISSN           0887-3585 
_citation.journal_id_CSD            0867 
_citation.book_publisher            ? 
_citation.pdbx_database_id_PubMed   11562941 
_citation.pdbx_database_id_DOI      10.1002/prot.1131 
# 
loop_
_citation_author.citation_id 
_citation_author.name 
_citation_author.ordinal 
_citation_author.identifier_ORCID 
primary 'Thepaut, M.'     1 ? 
primary 'Strub, M.P.'     2 ? 
primary 'Cave, A.'        3 ? 
primary 'Baneres, J.L.'   4 ? 
primary 'Berchtold, M.W.' 5 ? 
primary 'Dumas, C.'       6 ? 
primary 'Padilla, A.'     7 ? 
# 
_cell.entry_id           1G33 
_cell.length_a           48.930 
_cell.length_b           50.680 
_cell.length_c           25.610 
_cell.angle_alpha        90.00 
_cell.angle_beta         90.00 
_cell.angle_gamma        90.00 
_cell.Z_PDB              4 
_cell.pdbx_unique_axis   ? 
# 
_symmetry.entry_id                         1G33 
_symmetry.space_group_name_H-M             'P 21 21 2' 
_symmetry.pdbx_full_space_group_name_H-M   ? 
_symmetry.cell_setting                     ? 
_symmetry.Int_Tables_number                18 
# 
loop_
_entity.id 
_entity.type 
_entity.src_method 
_entity.pdbx_description 
_entity.formula_weight 
_entity.pdbx_number_of_molecules 
_entity.pdbx_ec 
_entity.pdbx_mutation 
_entity.pdbx_fragment 
_entity.details 
1 polymer     man 'PARVALBUMIN ALPHA' 7864.776 1  ? K37M 'RESIDUES 37-109' ? 
2 non-polymer syn 'CALCIUM ION'       40.078   2  ? ?    ?                 ? 
3 non-polymer syn 'SULFATE ION'       96.063   1  ? ?    ?                 ? 
4 water       nat water               18.015   47 ? ?    ?                 ? 
# 
_entity_poly.entity_id                      1 
_entity_poly.type                           'polypeptide(L)' 
_entity_poly.nstd_linkage                   no 
_entity_poly.nstd_monomer                   no 
_entity_poly.pdbx_seq_one_letter_code       MKSADDVKKVFHILDKDKSGFIEEDELGSILKGFSSDARDLSAKETKTLMAAGDKDGDGKIGVEEFSTLVAES 
_entity_poly.pdbx_seq_one_letter_code_can   MKSADDVKKVFHILDKDKSGFIEEDELGSILKGFSSDARDLSAKETKTLMAAGDKDGDGKIGVEEFSTLVAES 
_entity_poly.pdbx_strand_id                 A 
_entity_poly.pdbx_target_identifier         ? 
# 
loop_
_entity_poly_seq.entity_id 
_entity_poly_seq.num 
_entity_poly_seq.mon_id 
_entity_poly_seq.hetero 
1 1  MET n 
1 2  LYS n 
1 3  SER n 
1 4  ALA n 
1 5  ASP n 
1 6  ASP n 
1 7  VAL n 
1 8  LYS n 
1 9  LYS n 
1 10 VAL n 
1 11 PHE n 
1 12 HIS n 
1 13 ILE n 
1 14 LEU n 
1 15 ASP n 
1 16 LYS n 
1 17 ASP n 
1 18 LYS n 
1 19 SER n 
1 20 GLY n 
1 21 PHE n 
1 22 ILE n 
1 23 GLU n 
1 24 GLU n 
1 25 ASP n 
1 26 GLU n 
1 27 LEU n 
1 28 GLY n 
1 29 SER n 
1 30 ILE n 
1 31 LEU n 
1 32 LYS n 
1 33 GLY n 
1 34 PHE n 
1 35 SER n 
1 36 SER n 
1 37 ASP n 
1 38 ALA n 
1 39 ARG n 
1 40 ASP n 
1 41 LEU n 
1 42 SER n 
1 43 ALA n 
1 44 LYS n 
1 45 GLU n 
1 46 THR n 
1 47 LYS n 
1 48 THR n 
1 49 LEU n 
1 50 MET n 
1 51 ALA n 
1 52 ALA n 
1 53 GLY n 
1 54 ASP n 
1 55 LYS n 
1 56 ASP n 
1 57 GLY n 
1 58 ASP n 
1 59 GLY n 
1 60 LYS n 
1 61 ILE n 
1 62 GLY n 
1 63 VAL n 
1 64 GLU n 
1 65 GLU n 
1 66 PHE n 
1 67 SER n 
1 68 THR n 
1 69 LEU n 
1 70 VAL n 
1 71 ALA n 
1 72 GLU n 
1 73 SER n 
# 
_entity_src_gen.entity_id                          1 
_entity_src_gen.pdbx_src_id                        1 
_entity_src_gen.pdbx_alt_source_flag               sample 
_entity_src_gen.pdbx_seq_type                      ? 
_entity_src_gen.pdbx_beg_seq_num                   ? 
_entity_src_gen.pdbx_end_seq_num                   ? 
_entity_src_gen.gene_src_common_name               'Norway rat' 
_entity_src_gen.gene_src_genus                     Rattus 
_entity_src_gen.pdbx_gene_src_gene                 ? 
_entity_src_gen.gene_src_species                   ? 
_entity_src_gen.gene_src_strain                    ? 
_entity_src_gen.gene_src_tissue                    ? 
_entity_src_gen.gene_src_tissue_fraction           ? 
_entity_src_gen.gene_src_details                   ? 
_entity_src_gen.pdbx_gene_src_fragment             ? 
_entity_src_gen.pdbx_gene_src_scientific_name      'Rattus norvegicus' 
_entity_src_gen.pdbx_gene_src_ncbi_taxonomy_id     10116 
_entity_src_gen.pdbx_gene_src_variant              ? 
_entity_src_gen.pdbx_gene_src_cell_line            ? 
_entity_src_gen.pdbx_gene_src_atcc                 ? 
_entity_src_gen.pdbx_gene_src_organ                ? 
_entity_src_gen.pdbx_gene_src_organelle            ? 
_entity_src_gen.pdbx_gene_src_cell                 ? 
_entity_src_gen.pdbx_gene_src_cellular_location    ? 
_entity_src_gen.host_org_common_name               ? 
_entity_src_gen.pdbx_host_org_scientific_name      'Escherichia coli BL21(DE3)' 
_entity_src_gen.pdbx_host_org_ncbi_taxonomy_id     469008 
_entity_src_gen.host_org_genus                     Escherichia 
_entity_src_gen.pdbx_host_org_gene                 ? 
_entity_src_gen.pdbx_host_org_organ                ? 
_entity_src_gen.host_org_species                   'Escherichia coli' 
_entity_src_gen.pdbx_host_org_tissue               ? 
_entity_src_gen.pdbx_host_org_tissue_fraction      ? 
_entity_src_gen.pdbx_host_org_strain               'BL21(DE3)' 
_entity_src_gen.pdbx_host_org_variant              ? 
_entity_src_gen.pdbx_host_org_cell_line            ? 
_entity_src_gen.pdbx_host_org_atcc                 ? 
_entity_src_gen.pdbx_host_org_culture_collection   ? 
_entity_src_gen.pdbx_host_org_cell                 ? 
_entity_src_gen.pdbx_host_org_organelle            ? 
_entity_src_gen.pdbx_host_org_cellular_location    ? 
_entity_src_gen.pdbx_host_org_vector_type          PLASMID 
_entity_src_gen.pdbx_host_org_vector               ? 
_entity_src_gen.host_org_details                   ? 
_entity_src_gen.expression_system_id               ? 
_entity_src_gen.plasmid_name                       PET-11A 
_entity_src_gen.plasmid_details                    ? 
_entity_src_gen.pdbx_description                   ? 
# 
_struct_ref.id                         1 
_struct_ref.db_code                    PRVA_RAT 
_struct_ref.db_name                    UNP 
_struct_ref.entity_id                  1 
_struct_ref.pdbx_db_accession          P02625 
_struct_ref.pdbx_align_begin           ? 
_struct_ref.pdbx_seq_one_letter_code   ? 
_struct_ref.pdbx_db_isoform            ? 
# 
_struct_ref_seq.align_id                      1 
_struct_ref_seq.ref_id                        1 
_struct_ref_seq.pdbx_PDB_id_code              1G33 
_struct_ref_seq.pdbx_strand_id                A 
_struct_ref_seq.seq_align_beg                 1 
_struct_ref_seq.pdbx_seq_align_beg_ins_code   ? 
_struct_ref_seq.seq_align_end                 73 
_struct_ref_seq.pdbx_seq_align_end_ins_code   ? 
_struct_ref_seq.pdbx_db_accession             P02625 
_struct_ref_seq.db_align_beg                  37 
_struct_ref_seq.pdbx_db_align_beg_ins_code    ? 
_struct_ref_seq.db_align_end                  109 
_struct_ref_seq.pdbx_db_align_end_ins_code    ? 
_struct_ref_seq.pdbx_auth_seq_align_beg       37 
_struct_ref_seq.pdbx_auth_seq_align_end       109 
# 
_struct_ref_seq_dif.align_id                     1 
_struct_ref_seq_dif.pdbx_pdb_id_code             1G33 
_struct_ref_seq_dif.mon_id                       MET 
_struct_ref_seq_dif.pdbx_pdb_strand_id           A 
_struct_ref_seq_dif.seq_num                      1 
_struct_ref_seq_dif.pdbx_pdb_ins_code            ? 
_struct_ref_seq_dif.pdbx_seq_db_name             UNP 
_struct_ref_seq_dif.pdbx_seq_db_accession_code   P02625 
_struct_ref_seq_dif.db_mon_id                    LYS 
_struct_ref_seq_dif.pdbx_seq_db_seq_num          37 
_struct_ref_seq_dif.details                      'engineered mutation' 
_struct_ref_seq_dif.pdbx_auth_seq_num            37 
_struct_ref_seq_dif.pdbx_ordinal                 1 
# 
loop_
_chem_comp.id 
_chem_comp.type 
_chem_comp.mon_nstd_flag 
_chem_comp.name 
_chem_comp.pdbx_synonyms 
_chem_comp.formula 
_chem_comp.formula_weight 
ALA 'L-peptide linking' y ALANINE         ? 'C3 H7 N O2'     89.093  
ARG 'L-peptide linking' y ARGININE        ? 'C6 H15 N4 O2 1' 175.209 
ASP 'L-peptide linking' y 'ASPARTIC ACID' ? 'C4 H7 N O4'     133.103 
CA  non-polymer         . 'CALCIUM ION'   ? 'Ca 2'           40.078  
GLU 'L-peptide linking' y 'GLUTAMIC ACID' ? 'C5 H9 N O4'     147.129 
GLY 'peptide linking'   y GLYCINE         ? 'C2 H5 N O2'     75.067  
HIS 'L-peptide linking' y HISTIDINE       ? 'C6 H10 N3 O2 1' 156.162 
HOH non-polymer         . WATER           ? 'H2 O'           18.015  
ILE 'L-peptide linking' y ISOLEUCINE      ? 'C6 H13 N O2'    131.173 
LEU 'L-peptide linking' y LEUCINE         ? 'C6 H13 N O2'    131.173 
LYS 'L-peptide linking' y LYSINE          ? 'C6 H15 N2 O2 1' 147.195 
MET 'L-peptide linking' y METHIONINE      ? 'C5 H11 N O2 S'  149.211 
PHE 'L-peptide linking' y PHENYLALANINE   ? 'C9 H11 N O2'    165.189 
SER 'L-peptide linking' y SERINE          ? 'C3 H7 N O3'     105.093 
SO4 non-polymer         . 'SULFATE ION'   ? 'O4 S -2'        96.063  
THR 'L-peptide linking' y THREONINE       ? 'C4 H9 N O3'     119.119 
VAL 'L-peptide linking' y VALINE          ? 'C5 H11 N O2'    117.146 
# 
_exptl.entry_id          1G33 
_exptl.method            'X-RAY DIFFRACTION' 
_exptl.crystals_number   1 
# 
_exptl_crystal.id                    1 
_exptl_crystal.density_meas          ? 
_exptl_crystal.density_Matthews      2.02 
_exptl_crystal.density_percent_sol   39.07 
_exptl_crystal.description           ? 
# 
_exptl_crystal_grow.crystal_id      1 
_exptl_crystal_grow.method          'VAPOR DIFFUSION, HANGING DROP' 
_exptl_crystal_grow.temp            291.0 
_exptl_crystal_grow.temp_details    ? 
_exptl_crystal_grow.pH              6.5 
_exptl_crystal_grow.pdbx_details    
'ammonium sulfate 3M, calcium chloride 30mM, pH 6.5, VAPOR DIFFUSION, HANGING DROP, temperature 291.0K' 
_exptl_crystal_grow.pdbx_pH_range   . 
# 
_diffrn.id                     1 
_diffrn.ambient_temp           298.0 
_diffrn.ambient_temp_details   ? 
_diffrn.crystal_id             1 
# 
_diffrn_detector.diffrn_id              1 
_diffrn_detector.detector               'IMAGE PLATE' 
_diffrn_detector.type                   MARRESEARCH 
_diffrn_detector.pdbx_collection_date   1999-05-01 
_diffrn_detector.details                ? 
# 
_diffrn_radiation.diffrn_id                        1 
_diffrn_radiation.wavelength_id                    1 
_diffrn_radiation.pdbx_monochromatic_or_laue_m_l   M 
_diffrn_radiation.monochromator                    ? 
_diffrn_radiation.pdbx_diffrn_protocol             'SINGLE WAVELENGTH' 
_diffrn_radiation.pdbx_scattering_type             x-ray 
# 
_diffrn_radiation_wavelength.id           1 
_diffrn_radiation_wavelength.wavelength   1.5418 
_diffrn_radiation_wavelength.wt           1.0 
# 
_diffrn_source.diffrn_id                   1 
_diffrn_source.source                      'ROTATING ANODE' 
_diffrn_source.type                        'RIGAKU RU200' 
_diffrn_source.pdbx_synchrotron_site       ? 
_diffrn_source.pdbx_synchrotron_beamline   ? 
_diffrn_source.pdbx_wavelength             ? 
_diffrn_source.pdbx_wavelength_list        1.5418 
# 
_reflns.entry_id                     1G33 
_reflns.observed_criterion_sigma_I   ? 
_reflns.observed_criterion_sigma_F   ? 
_reflns.d_resolution_low             36.0 
_reflns.d_resolution_high            1.44 
_reflns.number_obs                   169765 
_reflns.number_all                   ? 
_reflns.percent_possible_obs         ? 
_reflns.pdbx_Rmerge_I_obs            ? 
_reflns.pdbx_Rsym_value              0.0590000 
_reflns.pdbx_netI_over_sigmaI        34.1 
_reflns.B_iso_Wilson_estimate        16.4 
_reflns.pdbx_redundancy              ? 
_reflns.R_free_details               ? 
_reflns.limit_h_max                  ? 
_reflns.limit_h_min                  ? 
_reflns.limit_k_max                  ? 
_reflns.limit_k_min                  ? 
_reflns.limit_l_max                  ? 
_reflns.limit_l_min                  ? 
_reflns.observed_criterion_F_max     ? 
_reflns.observed_criterion_F_min     ? 
_reflns.pdbx_diffrn_id               1 
_reflns.pdbx_ordinal                 1 
# 
_reflns_shell.d_res_high             1.44 
_reflns_shell.d_res_low              1.49 
_reflns_shell.percent_possible_all   ? 
_reflns_shell.Rmerge_I_obs           ? 
_reflns_shell.pdbx_Rsym_value        0.2590000 
_reflns_shell.meanI_over_sigI_obs    7.5 
_reflns_shell.pdbx_redundancy        ? 
_reflns_shell.percent_possible_obs   ? 
_reflns_shell.number_unique_all      ? 
_reflns_shell.pdbx_diffrn_id         ? 
_reflns_shell.pdbx_ordinal           1 
# 
_refine.entry_id                                 1G33 
_refine.ls_number_reflns_obs                     11866 
_refine.ls_number_reflns_all                     12028 
_refine.pdbx_ls_sigma_I                          ? 
_refine.pdbx_ls_sigma_F                          1.5 
_refine.pdbx_data_cutoff_high_absF               100000000.00 
_refine.pdbx_data_cutoff_low_absF                0.00 
_refine.ls_d_res_low                             36.00 
_refine.ls_d_res_high                            1.44 
_refine.ls_percent_reflns_obs                    98.8 
_refine.ls_R_factor_obs                          0.1690000 
_refine.ls_R_factor_all                          ? 
_refine.ls_R_factor_R_work                       0.1690000 
_refine.ls_R_factor_R_free                       0.2000000 
_refine.ls_R_factor_R_free_error                 0.006 
_refine.ls_R_factor_R_free_error_details         ? 
_refine.ls_percent_reflns_R_free                 10.3 
_refine.ls_number_reflns_R_free                  1224 
_refine.ls_number_parameters                     ? 
_refine.ls_number_restraints                     ? 
_refine.occupancy_min                            ? 
_refine.occupancy_max                            ? 
_refine.B_iso_mean                               17.0 
_refine.aniso_B[1][1]                            0.00 
_refine.aniso_B[2][2]                            0.00 
_refine.aniso_B[3][3]                            0.00 
_refine.aniso_B[1][2]                            0.00 
_refine.aniso_B[1][3]                            0.00 
_refine.aniso_B[2][3]                            0.00 
_refine.solvent_model_details                    ? 
_refine.solvent_model_param_ksol                 ? 
_refine.solvent_model_param_bsol                 ? 
_refine.pdbx_ls_cross_valid_method               THROUGHOUT 
_refine.details                                  ? 
_refine.pdbx_starting_model                      'PDB ENTRY 1RTP' 
_refine.pdbx_method_to_determine_struct          'MOLECULAR REPLACEMENT' 
_refine.pdbx_isotropic_thermal_model             RESTRAINED 
_refine.pdbx_stereochemistry_target_values       ? 
_refine.pdbx_stereochem_target_val_spec_case     ? 
_refine.pdbx_R_Free_selection_details            RANDOM 
_refine.pdbx_overall_ESU_R_Free                  ? 
_refine.overall_SU_B                             ? 
_refine.ls_redundancy_reflns_obs                 ? 
_refine.B_iso_min                                ? 
_refine.B_iso_max                                ? 
_refine.overall_SU_ML                            ? 
_refine.pdbx_overall_ESU_R                       ? 
_refine.pdbx_data_cutoff_high_rms_absF           ? 
_refine.correlation_coeff_Fo_to_Fc               ? 
_refine.correlation_coeff_Fo_to_Fc_free          ? 
_refine.overall_SU_R_Cruickshank_DPI             ? 
_refine.overall_SU_R_free                        ? 
_refine.pdbx_refine_id                           'X-RAY DIFFRACTION' 
_refine.pdbx_diffrn_id                           1 
_refine.pdbx_TLS_residual_ADP_flag               ? 
_refine.pdbx_solvent_vdw_probe_radii             ? 
_refine.pdbx_solvent_ion_probe_radii             ? 
_refine.pdbx_solvent_shrinkage_radii             ? 
_refine.pdbx_overall_phase_error                 ? 
_refine.pdbx_overall_SU_R_free_Cruickshank_DPI   ? 
_refine.pdbx_overall_SU_R_Blow_DPI               ? 
_refine.pdbx_overall_SU_R_free_Blow_DPI          ? 
# 
_refine_analyze.entry_id                        1G33 
_refine_analyze.Luzzati_coordinate_error_obs    0.14 
_refine_analyze.Luzzati_sigma_a_obs             0.13 
_refine_analyze.Luzzati_d_res_low_obs           5.00 
_refine_analyze.Luzzati_coordinate_error_free   0.15 
_refine_analyze.Luzzati_sigma_a_free            0.11 
_refine_analyze.Luzzati_d_res_low_free          ? 
_refine_analyze.number_disordered_residues      ? 
_refine_analyze.occupancy_sum_hydrogen          ? 
_refine_analyze.occupancy_sum_non_hydrogen      ? 
_refine_analyze.pdbx_Luzzati_d_res_high_obs     ? 
_refine_analyze.pdbx_refine_id                  'X-RAY DIFFRACTION' 
# 
_refine_hist.pdbx_refine_id                   'X-RAY DIFFRACTION' 
_refine_hist.cycle_id                         LAST 
_refine_hist.pdbx_number_atoms_protein        566 
_refine_hist.pdbx_number_atoms_nucleic_acid   0 
_refine_hist.pdbx_number_atoms_ligand         7 
_refine_hist.number_atoms_solvent             47 
_refine_hist.number_atoms_total               620 
_refine_hist.d_res_high                       1.44 
_refine_hist.d_res_low                        36.00 
# 
loop_
_refine_ls_restr.type 
_refine_ls_restr.dev_ideal 
_refine_ls_restr.dev_ideal_target 
_refine_ls_restr.weight 
_refine_ls_restr.number 
_refine_ls_restr.pdbx_refine_id 
_refine_ls_restr.pdbx_restraint_function 
x_bond_d                0.019 ?    ? ? 'X-RAY DIFFRACTION' ? 
x_bond_d_na             ?     ?    ? ? 'X-RAY DIFFRACTION' ? 
x_bond_d_prot           ?     ?    ? ? 'X-RAY DIFFRACTION' ? 
x_angle_d               ?     ?    ? ? 'X-RAY DIFFRACTION' ? 
x_angle_d_na            ?     ?    ? ? 'X-RAY DIFFRACTION' ? 
x_angle_d_prot          ?     ?    ? ? 'X-RAY DIFFRACTION' ? 
x_angle_deg             1.7   ?    ? ? 'X-RAY DIFFRACTION' ? 
x_angle_deg_na          ?     ?    ? ? 'X-RAY DIFFRACTION' ? 
x_angle_deg_prot        ?     ?    ? ? 'X-RAY DIFFRACTION' ? 
x_dihedral_angle_d      21.9  ?    ? ? 'X-RAY DIFFRACTION' ? 
x_dihedral_angle_d_na   ?     ?    ? ? 'X-RAY DIFFRACTION' ? 
x_dihedral_angle_d_prot ?     ?    ? ? 'X-RAY DIFFRACTION' ? 
x_improper_angle_d      1.06  ?    ? ? 'X-RAY DIFFRACTION' ? 
x_improper_angle_d_na   ?     ?    ? ? 'X-RAY DIFFRACTION' ? 
x_improper_angle_d_prot ?     ?    ? ? 'X-RAY DIFFRACTION' ? 
x_mcbond_it             2.09  1.50 ? ? 'X-RAY DIFFRACTION' ? 
x_mcangle_it            2.84  2.00 ? ? 'X-RAY DIFFRACTION' ? 
x_scbond_it             5.70  2.00 ? ? 'X-RAY DIFFRACTION' ? 
x_scangle_it            9.74  2.50 ? ? 'X-RAY DIFFRACTION' ? 
# 
_refine_ls_shell.pdbx_total_number_of_bins_used   8 
_refine_ls_shell.d_res_high                       1.44 
_refine_ls_shell.d_res_low                        1.50 
_refine_ls_shell.number_reflns_R_work             1232 
_refine_ls_shell.R_factor_R_work                  0.3350000 
_refine_ls_shell.percent_reflns_obs               95 
_refine_ls_shell.R_factor_R_free                  0.3480000 
_refine_ls_shell.R_factor_R_free_error            0.029 
_refine_ls_shell.percent_reflns_R_free            10.8 
_refine_ls_shell.number_reflns_R_free             149 
_refine_ls_shell.number_reflns_obs                1232 
_refine_ls_shell.redundancy_reflns_obs            ? 
_refine_ls_shell.number_reflns_all                ? 
_refine_ls_shell.pdbx_refine_id                   'X-RAY DIFFRACTION' 
_refine_ls_shell.R_factor_all                     ? 
# 
loop_
_pdbx_xplor_file.serial_no 
_pdbx_xplor_file.param_file 
_pdbx_xplor_file.topol_file 
_pdbx_xplor_file.pdbx_refine_id 
1 PROTEIN_REP.PARAM TOPHCSDX.PRO 'X-RAY DIFFRACTION' 
2 PARAM.SO4         TOP.SO4      'X-RAY DIFFRACTION' 
# 
_struct.entry_id                  1G33 
_struct.title                     'CRYSTAL STRUCTURE OF RAT PARVALBUMIN WITHOUT THE N-TERMINAL DOMAIN' 
_struct.pdbx_model_details        ? 
_struct.pdbx_CASP_flag            ? 
_struct.pdbx_model_type_details   ? 
# 
_struct_keywords.entry_id        1G33 
_struct_keywords.pdbx_keywords   'METAL BINDING PROTEIN' 
_struct_keywords.text            'CALCIUM-BINDING PROTEIN, METAL BINDING PROTEIN' 
# 
loop_
_struct_asym.id 
_struct_asym.pdbx_blank_PDB_chainid_flag 
_struct_asym.pdbx_modified 
_struct_asym.entity_id 
_struct_asym.details 
A N N 1 ? 
B N N 2 ? 
C N N 2 ? 
D N N 3 ? 
E N N 4 ? 
# 
_struct_biol.id                    1 
_struct_biol.pdbx_parent_biol_id   ? 
_struct_biol.details               ? 
# 
loop_
_struct_conf.conf_type_id 
_struct_conf.id 
_struct_conf.pdbx_PDB_helix_id 
_struct_conf.beg_label_comp_id 
_struct_conf.beg_label_asym_id 
_struct_conf.beg_label_seq_id 
_struct_conf.pdbx_beg_PDB_ins_code 
_struct_conf.end_label_comp_id 
_struct_conf.end_label_asym_id 
_struct_conf.end_label_seq_id 
_struct_conf.pdbx_end_PDB_ins_code 
_struct_conf.beg_auth_comp_id 
_struct_conf.beg_auth_asym_id 
_struct_conf.beg_auth_seq_id 
_struct_conf.end_auth_comp_id 
_struct_conf.end_auth_asym_id 
_struct_conf.end_auth_seq_id 
_struct_conf.pdbx_PDB_helix_class 
_struct_conf.details 
_struct_conf.pdbx_PDB_helix_length 
HELX_P HELX_P1 1 SER A 3  ? ASP A 15 ? SER A 39 ASP A 51  1 ? 13 
HELX_P HELX_P2 2 GLU A 23 ? GLY A 28 ? GLU A 59 GLY A 64  1 ? 6  
HELX_P HELX_P3 3 SER A 29 ? SER A 35 ? SER A 65 SER A 71  1 ? 7  
HELX_P HELX_P4 4 SER A 42 ? ASP A 54 ? SER A 78 ASP A 90  1 ? 13 
HELX_P HELX_P5 5 GLY A 62 ? VAL A 70 ? GLY A 98 VAL A 106 1 ? 9  
# 
_struct_conf_type.id          HELX_P 
_struct_conf_type.criteria    ? 
_struct_conf_type.reference   ? 
# 
loop_
_struct_conn.id 
_struct_conn.conn_type_id 
_struct_conn.pdbx_leaving_atom_flag 
_struct_conn.pdbx_PDB_id 
_struct_conn.ptnr1_label_asym_id 
_struct_conn.ptnr1_label_comp_id 
_struct_conn.ptnr1_label_seq_id 
_struct_conn.ptnr1_label_atom_id 
_struct_conn.pdbx_ptnr1_label_alt_id 
_struct_conn.pdbx_ptnr1_PDB_ins_code 
_struct_conn.pdbx_ptnr1_standard_comp_id 
_struct_conn.ptnr1_symmetry 
_struct_conn.ptnr2_label_asym_id 
_struct_conn.ptnr2_label_comp_id 
_struct_conn.ptnr2_label_seq_id 
_struct_conn.ptnr2_label_atom_id 
_struct_conn.pdbx_ptnr2_label_alt_id 
_struct_conn.pdbx_ptnr2_PDB_ins_code 
_struct_conn.ptnr1_auth_asym_id 
_struct_conn.ptnr1_auth_comp_id 
_struct_conn.ptnr1_auth_seq_id 
_struct_conn.ptnr2_auth_asym_id 
_struct_conn.ptnr2_auth_comp_id 
_struct_conn.ptnr2_auth_seq_id 
_struct_conn.ptnr2_symmetry 
_struct_conn.pdbx_ptnr3_label_atom_id 
_struct_conn.pdbx_ptnr3_label_seq_id 
_struct_conn.pdbx_ptnr3_label_comp_id 
_struct_conn.pdbx_ptnr3_label_asym_id 
_struct_conn.pdbx_ptnr3_label_alt_id 
_struct_conn.pdbx_ptnr3_PDB_ins_code 
_struct_conn.details 
_struct_conn.pdbx_dist_value 
_struct_conn.pdbx_value_order 
_struct_conn.pdbx_role 
metalc1  metalc ? ? A ASP 15 OD1 ? ? ? 1_555 B CA  . CA ? ? A ASP 51  A CA  110 1_555 ? ? ? ? ? ? ? 2.322 ? ? 
metalc2  metalc ? ? A ASP 17 OD1 ? ? ? 1_555 B CA  . CA ? ? A ASP 53  A CA  110 1_555 ? ? ? ? ? ? ? 2.381 ? ? 
metalc3  metalc ? ? A SER 19 OG  ? ? ? 1_555 B CA  . CA ? ? A SER 55  A CA  110 1_555 ? ? ? ? ? ? ? 2.581 ? ? 
metalc4  metalc ? ? A PHE 21 O   ? ? ? 1_555 B CA  . CA ? ? A PHE 57  A CA  110 1_555 ? ? ? ? ? ? ? 2.376 ? ? 
metalc5  metalc ? ? A GLU 23 OE1 ? ? ? 1_555 B CA  . CA ? ? A GLU 59  A CA  110 1_555 ? ? ? ? ? ? ? 2.351 ? ? 
metalc6  metalc ? ? A GLU 26 OE1 ? ? ? 1_555 B CA  . CA ? ? A GLU 62  A CA  110 1_555 ? ? ? ? ? ? ? 2.445 ? ? 
metalc7  metalc ? ? A GLU 26 OE2 ? ? ? 1_555 B CA  . CA ? ? A GLU 62  A CA  110 1_555 ? ? ? ? ? ? ? 2.487 ? ? 
metalc8  metalc ? ? A ASP 54 OD1 ? ? ? 1_555 C CA  . CA ? ? A ASP 90  A CA  111 1_555 ? ? ? ? ? ? ? 2.334 ? ? 
metalc9  metalc ? ? A ASP 56 OD1 ? ? ? 1_555 C CA  . CA ? ? A ASP 92  A CA  111 1_555 ? ? ? ? ? ? ? 2.396 ? ? 
metalc10 metalc ? ? A ASP 58 OD1 ? ? ? 1_555 C CA  . CA ? ? A ASP 94  A CA  111 1_555 ? ? ? ? ? ? ? 2.429 ? ? 
metalc11 metalc ? ? A LYS 60 O   ? ? ? 1_555 C CA  . CA ? ? A LYS 96  A CA  111 1_555 ? ? ? ? ? ? ? 2.402 ? ? 
metalc12 metalc ? ? A GLU 65 OE1 ? ? ? 1_555 C CA  . CA ? ? A GLU 101 A CA  111 1_555 ? ? ? ? ? ? ? 2.467 ? ? 
metalc13 metalc ? ? A GLU 65 OE2 ? ? ? 1_555 C CA  . CA ? ? A GLU 101 A CA  111 1_555 ? ? ? ? ? ? ? 2.575 ? ? 
metalc14 metalc ? ? C CA  .  CA  ? ? ? 1_555 E HOH . O  ? ? A CA  111 A HOH 312 1_555 ? ? ? ? ? ? ? 2.439 ? ? 
# 
_struct_conn_type.id          metalc 
_struct_conn_type.criteria    ? 
_struct_conn_type.reference   ? 
# 
loop_
_struct_site.id 
_struct_site.pdbx_evidence_code 
_struct_site.pdbx_auth_asym_id 
_struct_site.pdbx_auth_comp_id 
_struct_site.pdbx_auth_seq_id 
_struct_site.pdbx_auth_ins_code 
_struct_site.pdbx_num_residues 
_struct_site.details 
AC1 Software A CA  110 ? 6  'BINDING SITE FOR RESIDUE CA A 110'  
AC2 Software A CA  111 ? 6  'BINDING SITE FOR RESIDUE CA A 111'  
AC3 Software A SO4 200 ? 10 'BINDING SITE FOR RESIDUE SO4 A 200' 
# 
loop_
_struct_site_gen.id 
_struct_site_gen.site_id 
_struct_site_gen.pdbx_num_res 
_struct_site_gen.label_comp_id 
_struct_site_gen.label_asym_id 
_struct_site_gen.label_seq_id 
_struct_site_gen.pdbx_auth_ins_code 
_struct_site_gen.auth_comp_id 
_struct_site_gen.auth_asym_id 
_struct_site_gen.auth_seq_id 
_struct_site_gen.label_atom_id 
_struct_site_gen.label_alt_id 
_struct_site_gen.symmetry 
_struct_site_gen.details 
1  AC1 6  ASP A 15 ? ASP A 51  . ? 1_555 ? 
2  AC1 6  ASP A 17 ? ASP A 53  . ? 1_555 ? 
3  AC1 6  SER A 19 ? SER A 55  . ? 1_555 ? 
4  AC1 6  PHE A 21 ? PHE A 57  . ? 1_555 ? 
5  AC1 6  GLU A 23 ? GLU A 59  . ? 1_555 ? 
6  AC1 6  GLU A 26 ? GLU A 62  . ? 1_555 ? 
7  AC2 6  ASP A 54 ? ASP A 90  . ? 1_555 ? 
8  AC2 6  ASP A 56 ? ASP A 92  . ? 1_555 ? 
9  AC2 6  ASP A 58 ? ASP A 94  . ? 1_555 ? 
10 AC2 6  LYS A 60 ? LYS A 96  . ? 1_555 ? 
11 AC2 6  GLU A 65 ? GLU A 101 . ? 1_555 ? 
12 AC2 6  HOH E .  ? HOH A 312 . ? 1_555 ? 
13 AC3 10 GLY A 62 ? GLY A 98  . ? 1_555 ? 
14 AC3 10 VAL A 63 ? VAL A 99  . ? 1_555 ? 
15 AC3 10 GLU A 64 ? GLU A 100 . ? 1_555 ? 
16 AC3 10 GLU A 65 ? GLU A 101 . ? 1_555 ? 
17 AC3 10 HOH E .  ? HOH A 312 . ? 1_555 ? 
18 AC3 10 HOH E .  ? HOH A 325 . ? 2_555 ? 
19 AC3 10 HOH E .  ? HOH A 325 . ? 1_555 ? 
20 AC3 10 HOH E .  ? HOH A 327 . ? 2_555 ? 
21 AC3 10 HOH E .  ? HOH A 327 . ? 1_555 ? 
22 AC3 10 HOH E .  ? HOH A 339 . ? 1_555 ? 
# 
_atom_sites.entry_id                    1G33 
_atom_sites.fract_transf_matrix[1][1]   0.01540112 
_atom_sites.fract_transf_matrix[1][2]   -0.00452636 
_atom_sites.fract_transf_matrix[1][3]   -0.01264866 
_atom_sites.fract_transf_matrix[2][1]   0.01279937 
_atom_sites.fract_transf_matrix[2][2]   0.00193396 
_atom_sites.fract_transf_matrix[2][3]   0.01489254 
_atom_sites.fract_transf_matrix[3][1]   -0.00415846 
_atom_sites.fract_transf_matrix[3][2]   -0.03788446 
_atom_sites.fract_transf_matrix[3][3]   0.00849369 
_atom_sites.fract_transf_vector[1]      0.254716 
_atom_sites.fract_transf_vector[2]      0.114896 
_atom_sites.fract_transf_vector[3]      0.128347 
# 
loop_
_atom_type.symbol 
C  
CA 
N  
O  
S  
# 
loop_
_atom_site.group_PDB 
_atom_site.id 
_atom_site.type_symbol 
_atom_site.label_atom_id 
_atom_site.label_alt_id 
_atom_site.label_comp_id 
_atom_site.label_asym_id 
_atom_site.label_entity_id 
_atom_site.label_seq_id 
_atom_site.pdbx_PDB_ins_code 
_atom_site.Cartn_x 
_atom_site.Cartn_y 
_atom_site.Cartn_z 
_atom_site.occupancy 
_atom_site.B_iso_or_equiv 
_atom_site.pdbx_formal_charge 
_atom_site.auth_seq_id 
_atom_site.auth_comp_id 
_atom_site.auth_asym_id 
_atom_site.auth_atom_id 
_atom_site.pdbx_PDB_model_num 
ATOM   1   N  N   . MET A 1 1  ? -4.582  -6.329  -15.273 1.00 28.01 ? 37  MET A N   1 
ATOM   2   C  CA  . MET A 1 1  ? -5.439  -5.991  -14.096 1.00 23.57 ? 37  MET A CA  1 
ATOM   3   C  C   . MET A 1 1  ? -5.467  -7.148  -13.068 1.00 26.08 ? 37  MET A C   1 
ATOM   4   O  O   . MET A 1 1  ? -5.742  -8.333  -13.388 1.00 24.13 ? 37  MET A O   1 
ATOM   5   C  CB  . MET A 1 1  ? -6.849  -5.615  -14.611 1.00 25.55 ? 37  MET A CB  1 
ATOM   6   C  CG  . MET A 1 1  ? -8.019  -5.724  -13.650 1.00 26.06 ? 37  MET A CG  1 
ATOM   7   S  SD  A MET A 1 1  ? -9.573  -5.165  -14.493 0.68 22.32 ? 37  MET A SD  1 
ATOM   8   S  SD  B MET A 1 1  ? -9.620  -5.692  -14.484 0.32 30.46 ? 37  MET A SD  1 
ATOM   9   C  CE  A MET A 1 1  ? -10.349 -6.786  -14.953 0.68 15.62 ? 37  MET A CE  1 
ATOM   10  C  CE  B MET A 1 1  ? -9.480  -4.033  -15.191 0.32 26.86 ? 37  MET A CE  1 
ATOM   11  N  N   . LYS A 1 2  ? -5.149  -6.800  -11.819 1.00 20.70 ? 38  LYS A N   1 
ATOM   12  C  CA  . LYS A 1 2  ? -5.160  -7.801  -10.751 1.00 20.30 ? 38  LYS A CA  1 
ATOM   13  C  C   . LYS A 1 2  ? -6.585  -7.917  -10.230 1.00 17.50 ? 38  LYS A C   1 
ATOM   14  O  O   . LYS A 1 2  ? -7.364  -6.945  -10.249 1.00 18.15 ? 38  LYS A O   1 
ATOM   15  C  CB  . LYS A 1 2  ? -4.220  -7.380  -9.626  1.00 24.22 ? 38  LYS A CB  1 
ATOM   16  C  CG  . LYS A 1 2  ? -2.885  -6.783  -10.137 1.00 37.21 ? 38  LYS A CG  1 
ATOM   17  C  CD  . LYS A 1 2  ? -1.673  -7.136  -9.245  1.00 45.34 ? 38  LYS A CD  1 
ATOM   18  C  CE  . LYS A 1 2  ? -1.539  -8.658  -8.981  1.00 53.88 ? 38  LYS A CE  1 
ATOM   19  N  NZ  . LYS A 1 2  ? -1.731  -9.516  -10.207 1.00 59.14 ? 38  LYS A NZ  1 
ATOM   20  N  N   . SER A 1 3  ? -6.954  -9.101  -9.766  1.00 16.70 ? 39  SER A N   1 
ATOM   21  C  CA  . SER A 1 3  ? -8.310  -9.249  -9.256  1.00 17.42 ? 39  SER A CA  1 
ATOM   22  C  C   . SER A 1 3  ? -8.436  -8.559  -7.895  1.00 17.26 ? 39  SER A C   1 
ATOM   23  O  O   . SER A 1 3  ? -7.441  -8.228  -7.210  1.00 14.31 ? 39  SER A O   1 
ATOM   24  C  CB  . SER A 1 3  ? -8.703  -10.727 -9.132  1.00 18.73 ? 39  SER A CB  1 
ATOM   25  O  OG  . SER A 1 3  ? -7.931  -11.331 -8.122  1.00 21.45 ? 39  SER A OG  1 
ATOM   26  N  N   . ALA A 1 4  ? -9.682  -8.321  -7.531  1.00 14.90 ? 40  ALA A N   1 
ATOM   27  C  CA  . ALA A 1 4  ? -9.941  -7.680  -6.239  1.00 21.04 ? 40  ALA A CA  1 
ATOM   28  C  C   . ALA A 1 4  ? -9.378  -8.572  -5.103  1.00 21.04 ? 40  ALA A C   1 
ATOM   29  O  O   . ALA A 1 4  ? -8.828  -8.049  -4.141  1.00 19.25 ? 40  ALA A O   1 
ATOM   30  C  CB  . ALA A 1 4  ? -11.456 -7.439  -6.040  1.00 18.24 ? 40  ALA A CB  1 
ATOM   31  N  N   . ASP A 1 5  ? -9.513  -9.894  -5.226  1.00 20.54 ? 41  ASP A N   1 
ATOM   32  C  CA  . ASP A 1 5  ? -9.030  -10.803 -4.180  1.00 24.46 ? 41  ASP A CA  1 
ATOM   33  C  C   . ASP A 1 5  ? -7.515  -10.724 -4.077  1.00 20.23 ? 41  ASP A C   1 
ATOM   34  O  O   . ASP A 1 5  ? -6.946  -10.794 -3.019  1.00 20.30 ? 41  ASP A O   1 
ATOM   35  C  CB  . ASP A 1 5  ? -9.470  -12.276 -4.424  1.00 39.44 ? 41  ASP A CB  1 
ATOM   36  C  CG  . ASP A 1 5  ? -11.009 -12.453 -4.354  1.00 56.03 ? 41  ASP A CG  1 
ATOM   37  O  OD1 . ASP A 1 5  ? -11.627 -12.060 -3.326  1.00 57.55 ? 41  ASP A OD1 1 
ATOM   38  O  OD2 . ASP A 1 5  ? -11.602 -12.981 -5.344  1.00 69.38 ? 41  ASP A OD2 1 
ATOM   39  N  N   . ASP A 1 6  ? -6.845  -10.497 -5.225  1.00 13.87 ? 42  ASP A N   1 
ATOM   40  C  CA  . ASP A 1 6  ? -5.405  -10.452 -5.149  1.00 16.66 ? 42  ASP A CA  1 
ATOM   41  C  C   . ASP A 1 6  ? -4.949  -9.175  -4.512  1.00 16.36 ? 42  ASP A C   1 
ATOM   42  O  O   . ASP A 1 6  ? -3.997  -9.177  -3.757  1.00 14.71 ? 42  ASP A O   1 
ATOM   43  C  CB  . ASP A 1 6  ? -4.810  -10.539 -6.531  1.00 23.93 ? 42  ASP A CB  1 
ATOM   44  C  CG  . ASP A 1 6  ? -4.624  -12.001 -6.902  1.00 33.17 ? 42  ASP A CG  1 
ATOM   45  O  OD1 . ASP A 1 6  ? -5.087  -12.906 -6.123  1.00 36.89 ? 42  ASP A OD1 1 
ATOM   46  O  OD2 . ASP A 1 6  ? -3.999  -12.225 -7.957  1.00 40.08 ? 42  ASP A OD2 1 
ATOM   47  N  N   . VAL A 1 7  ? -5.657  -8.128  -4.881  1.00 13.96 ? 43  VAL A N   1 
ATOM   48  C  CA  . VAL A 1 7  ? -5.316  -6.875  -4.290  1.00 13.50 ? 43  VAL A CA  1 
ATOM   49  C  C   . VAL A 1 7  ? -5.561  -6.951  -2.753  1.00 12.33 ? 43  VAL A C   1 
ATOM   50  O  O   . VAL A 1 7  ? -4.746  -6.445  -1.985  1.00 15.54 ? 43  VAL A O   1 
ATOM   51  C  CB  . VAL A 1 7  ? -6.161  -5.736  -4.956  1.00 14.61 ? 43  VAL A CB  1 
ATOM   52  C  CG1 . VAL A 1 7  ? -6.014  -4.422  -4.136  1.00 15.14 ? 43  VAL A CG1 1 
ATOM   53  C  CG2 . VAL A 1 7  ? -5.693  -5.562  -6.466  1.00 14.62 ? 43  VAL A CG2 1 
ATOM   54  N  N   . LYS A 1 8  ? -6.665  -7.564  -2.311  1.00 11.11 ? 44  LYS A N   1 
ATOM   55  C  CA  . LYS A 1 8  ? -6.950  -7.622  -0.866  1.00 14.82 ? 44  LYS A CA  1 
ATOM   56  C  C   . LYS A 1 8  ? -5.904  -8.482  -0.152  1.00 15.00 ? 44  LYS A C   1 
ATOM   57  O  O   . LYS A 1 8  ? -5.628  -8.254  1.024   1.00 14.75 ? 44  LYS A O   1 
ATOM   58  C  CB  . LYS A 1 8  ? -8.331  -8.236  -0.552  1.00 21.73 ? 44  LYS A CB  1 
ATOM   59  C  CG  . LYS A 1 8  ? -9.535  -7.469  -1.063  1.00 40.59 ? 44  LYS A CG  1 
ATOM   60  C  CD  . LYS A 1 8  ? -10.087 -6.578  0.016   1.00 51.68 ? 44  LYS A CD  1 
ATOM   61  C  CE  . LYS A 1 8  ? -11.025 -7.322  0.956   1.00 51.97 ? 44  LYS A CE  1 
ATOM   62  N  NZ  . LYS A 1 8  ? -11.627 -6.276  1.861   1.00 59.94 ? 44  LYS A NZ  1 
ATOM   63  N  N   . LYS A 1 9  ? -5.356  -9.490  -0.838  1.00 12.93 ? 45  LYS A N   1 
ATOM   64  C  CA  . LYS A 1 9  ? -4.341  -10.338 -0.202  1.00 11.73 ? 45  LYS A CA  1 
ATOM   65  C  C   . LYS A 1 9  ? -3.123  -9.501  0.125   1.00 12.71 ? 45  LYS A C   1 
ATOM   66  O  O   . LYS A 1 9  ? -2.583  -9.606  1.232   1.00 13.05 ? 45  LYS A O   1 
ATOM   67  C  CB  . LYS A 1 9  ? -3.911  -11.484 -1.114  1.00 16.54 ? 45  LYS A CB  1 
ATOM   68  C  CG  . LYS A 1 9  ? -4.708  -12.693 -0.882  1.00 28.70 ? 45  LYS A CG  1 
ATOM   69  C  CD  . LYS A 1 9  ? -4.178  -13.772 -1.735  1.00 41.59 ? 45  LYS A CD  1 
ATOM   70  C  CE  . LYS A 1 9  ? -5.303  -14.377 -2.500  1.00 46.92 ? 45  LYS A CE  1 
ATOM   71  N  NZ  . LYS A 1 9  ? -4.731  -15.456 -3.341  1.00 51.03 ? 45  LYS A NZ  1 
ATOM   72  N  N   . VAL A 1 10 ? -2.689  -8.661  -0.825  1.00 12.14 ? 46  VAL A N   1 
ATOM   73  C  CA  . VAL A 1 10 ? -1.493  -7.846  -0.577  1.00 10.71 ? 46  VAL A CA  1 
ATOM   74  C  C   . VAL A 1 10 ? -1.754  -6.820  0.519   1.00 9.27  ? 46  VAL A C   1 
ATOM   75  O  O   . VAL A 1 10 ? -0.892  -6.530  1.337   1.00 10.03 ? 46  VAL A O   1 
ATOM   76  C  CB  . VAL A 1 10 ? -1.024  -7.142  -1.838  1.00 12.49 ? 46  VAL A CB  1 
ATOM   77  C  CG1 . VAL A 1 10 ? 0.186   -6.263  -1.465  1.00 14.82 ? 46  VAL A CG1 1 
ATOM   78  C  CG2 . VAL A 1 10 ? -0.611  -8.225  -2.927  1.00 14.71 ? 46  VAL A CG2 1 
ATOM   79  N  N   . PHE A 1 11 ? -2.963  -6.249  0.500   1.00 9.94  ? 47  PHE A N   1 
ATOM   80  C  CA  . PHE A 1 11 ? -3.375  -5.289  1.522   1.00 9.21  ? 47  PHE A CA  1 
ATOM   81  C  C   . PHE A 1 11 ? -3.281  -5.952  2.879   1.00 7.79  ? 47  PHE A C   1 
ATOM   82  O  O   . PHE A 1 11 ? -2.749  -5.363  3.819   1.00 9.01  ? 47  PHE A O   1 
ATOM   83  C  CB  . PHE A 1 11 ? -4.824  -4.862  1.301   1.00 8.25  ? 47  PHE A CB  1 
ATOM   84  C  CG  . PHE A 1 11 ? -5.253  -3.782  2.208   1.00 9.08  ? 47  PHE A CG  1 
ATOM   85  C  CD1 . PHE A 1 11 ? -5.046  -2.459  1.858   1.00 10.84 ? 47  PHE A CD1 1 
ATOM   86  C  CD2 . PHE A 1 11 ? -5.834  -4.079  3.449   1.00 12.51 ? 47  PHE A CD2 1 
ATOM   87  C  CE1 . PHE A 1 11 ? -5.421  -1.425  2.750   1.00 13.46 ? 47  PHE A CE1 1 
ATOM   88  C  CE2 . PHE A 1 11 ? -6.214  -3.047  4.336   1.00 11.85 ? 47  PHE A CE2 1 
ATOM   89  C  CZ  . PHE A 1 11 ? -6.002  -1.730  3.986   1.00 10.41 ? 47  PHE A CZ  1 
ATOM   90  N  N   . HIS A 1 12 ? -3.759  -7.183  2.998   1.00 7.91  ? 48  HIS A N   1 
ATOM   91  C  CA  . HIS A 1 12 ? -3.663  -7.866  4.281   1.00 8.31  ? 48  HIS A CA  1 
ATOM   92  C  C   . HIS A 1 12 ? -2.260  -8.152  4.666   1.00 10.06 ? 48  HIS A C   1 
ATOM   93  O  O   . HIS A 1 12 ? -1.953  -8.179  5.844   1.00 11.28 ? 48  HIS A O   1 
ATOM   94  C  CB  . HIS A 1 12 ? -4.371  -9.190  4.294   1.00 12.97 ? 48  HIS A CB  1 
ATOM   95  C  CG  . HIS A 1 12 ? -5.830  -9.036  4.242   1.00 20.43 ? 48  HIS A CG  1 
ATOM   96  N  ND1 . HIS A 1 12 ? -6.653  -10.037 3.749   1.00 26.89 ? 48  HIS A ND1 1 
ATOM   97  C  CD2 . HIS A 1 12 ? -6.609  -8.002  4.575   1.00 20.48 ? 48  HIS A CD2 1 
ATOM   98  C  CE1 . HIS A 1 12 ? -7.896  -9.592  3.777   1.00 39.92 ? 48  HIS A CE1 1 
ATOM   99  N  NE2 . HIS A 1 12 ? -7.904  -8.360  4.270   1.00 33.27 ? 48  HIS A NE2 1 
ATOM   100 N  N   . ILE A 1 13 ? -1.406  -8.435  3.703   1.00 10.07 ? 49  ILE A N   1 
ATOM   101 C  CA  . ILE A 1 13 ? -0.007  -8.703  4.070   1.00 9.18  ? 49  ILE A CA  1 
ATOM   102 C  C   . ILE A 1 13 ? 0.629   -7.417  4.608   1.00 9.27  ? 49  ILE A C   1 
ATOM   103 O  O   . ILE A 1 13 ? 1.385   -7.448  5.583   1.00 10.52 ? 49  ILE A O   1 
ATOM   104 C  CB  . ILE A 1 13 ? 0.793   -9.240  2.821   1.00 13.80 ? 49  ILE A CB  1 
ATOM   105 C  CG1 . ILE A 1 13 ? 0.347   -10.685 2.519   1.00 11.67 ? 49  ILE A CG1 1 
ATOM   106 C  CG2 . ILE A 1 13 ? 2.322   -9.135  3.028   1.00 11.23 ? 49  ILE A CG2 1 
ATOM   107 C  CD1 . ILE A 1 13 ? 0.596   -11.057 1.122   1.00 13.66 ? 49  ILE A CD1 1 
ATOM   108 N  N   . LEU A 1 14 ? 0.311   -6.286  3.988   1.00 7.79  ? 50  LEU A N   1 
ATOM   109 C  CA  . LEU A 1 14 ? 0.899   -5.023  4.450   1.00 9.55  ? 50  LEU A CA  1 
ATOM   110 C  C   . LEU A 1 14 ? 0.334   -4.513  5.775   1.00 10.19 ? 50  LEU A C   1 
ATOM   111 O  O   . LEU A 1 14 ? 1.056   -3.851  6.539   1.00 9.68  ? 50  LEU A O   1 
ATOM   112 C  CB  . LEU A 1 14 ? 0.719   -3.938  3.396   1.00 9.84  ? 50  LEU A CB  1 
ATOM   113 C  CG  . LEU A 1 14 ? 1.468   -4.254  2.089   1.00 11.02 ? 50  LEU A CG  1 
ATOM   114 C  CD1 . LEU A 1 14 ? 1.120   -3.160  1.098   1.00 13.89 ? 50  LEU A CD1 1 
ATOM   115 C  CD2 . LEU A 1 14 ? 2.974   -4.308  2.282   1.00 12.16 ? 50  LEU A CD2 1 
ATOM   116 N  N   . ASP A 1 15 ? -0.948  -4.829  6.041   1.00 9.92  ? 51  ASP A N   1 
ATOM   117 C  CA  . ASP A 1 15 ? -1.634  -4.340  7.250   1.00 9.27  ? 51  ASP A CA  1 
ATOM   118 C  C   . ASP A 1 15 ? -1.209  -5.207  8.445   1.00 11.22 ? 51  ASP A C   1 
ATOM   119 O  O   . ASP A 1 15 ? -1.994  -6.038  8.943   1.00 12.43 ? 51  ASP A O   1 
ATOM   120 C  CB  . ASP A 1 15 ? -3.162  -4.387  7.030   1.00 8.50  ? 51  ASP A CB  1 
ATOM   121 C  CG  . ASP A 1 15 ? -3.922  -3.810  8.196   1.00 11.84 ? 51  ASP A CG  1 
ATOM   122 O  OD1 . ASP A 1 15 ? -3.306  -3.144  9.060   1.00 9.75  ? 51  ASP A OD1 1 
ATOM   123 O  OD2 . ASP A 1 15 ? -5.142  -4.042  8.238   1.00 11.30 ? 51  ASP A OD2 1 
ATOM   124 N  N   . LYS A 1 16 ? 0.031   -5.027  8.911   1.00 10.33 ? 52  LYS A N   1 
ATOM   125 C  CA  . LYS A 1 16 ? 0.535   -5.877  9.961   1.00 12.05 ? 52  LYS A CA  1 
ATOM   126 C  C   . LYS A 1 16 ? -0.211  -5.844  11.287  1.00 14.83 ? 52  LYS A C   1 
ATOM   127 O  O   . LYS A 1 16 ? -0.257  -6.850  11.992  1.00 17.59 ? 52  LYS A O   1 
ATOM   128 C  CB  . LYS A 1 16 ? 1.988   -5.546  10.201  1.00 15.30 ? 52  LYS A CB  1 
ATOM   129 C  CG  . LYS A 1 16 ? 2.778   -5.410  8.928   1.00 26.71 ? 52  LYS A CG  1 
ATOM   130 C  CD  . LYS A 1 16 ? 2.764   -6.690  8.171   1.00 36.46 ? 52  LYS A CD  1 
ATOM   131 C  CE  . LYS A 1 16 ? 4.170   -7.050  7.755   1.00 44.60 ? 52  LYS A CE  1 
ATOM   132 N  NZ  . LYS A 1 16 ? 5.057   -5.849  7.809   1.00 50.69 ? 52  LYS A NZ  1 
ATOM   133 N  N   . ASP A 1 17 ? -0.795  -4.705  11.642  1.00 11.36 ? 53  ASP A N   1 
ATOM   134 C  CA  . ASP A 1 17 ? -1.462  -4.627  12.935  1.00 10.05 ? 53  ASP A CA  1 
ATOM   135 C  C   . ASP A 1 17 ? -2.960  -4.845  12.850  1.00 14.08 ? 53  ASP A C   1 
ATOM   136 O  O   . ASP A 1 17 ? -3.706  -4.672  13.814  1.00 13.73 ? 53  ASP A O   1 
ATOM   137 C  CB  . ASP A 1 17 ? -1.108  -3.313  13.626  1.00 11.50 ? 53  ASP A CB  1 
ATOM   138 C  CG  . ASP A 1 17 ? -1.698  -2.099  12.941  1.00 14.87 ? 53  ASP A CG  1 
ATOM   139 O  OD1 . ASP A 1 17 ? -2.318  -2.270  11.869  1.00 11.11 ? 53  ASP A OD1 1 
ATOM   140 O  OD2 . ASP A 1 17 ? -1.550  -0.964  13.469  1.00 15.60 ? 53  ASP A OD2 1 
ATOM   141 N  N   . LYS A 1 18 ? -3.400  -5.258  11.669  1.00 13.58 ? 54  LYS A N   1 
ATOM   142 C  CA  . LYS A 1 18 ? -4.839  -5.523  11.398  1.00 12.90 ? 54  LYS A CA  1 
ATOM   143 C  C   . LYS A 1 18 ? -5.750  -4.386  11.751  1.00 13.57 ? 54  LYS A C   1 
ATOM   144 O  O   . LYS A 1 18 ? -6.876  -4.596  12.167  1.00 15.37 ? 54  LYS A O   1 
ATOM   145 C  CB  . LYS A 1 18 ? -5.291  -6.817  12.095  1.00 16.86 ? 54  LYS A CB  1 
ATOM   146 C  CG  . LYS A 1 18 ? -4.378  -7.998  11.707  1.00 26.74 ? 54  LYS A CG  1 
ATOM   147 C  CD  . LYS A 1 18 ? -5.016  -9.327  12.075  1.00 40.90 ? 54  LYS A CD  1 
ATOM   148 C  CE  . LYS A 1 18 ? -3.953  -10.418 12.447  1.00 56.16 ? 54  LYS A CE  1 
ATOM   149 N  NZ  . LYS A 1 18 ? -4.519  -11.325 13.553  1.00 59.11 ? 54  LYS A NZ  1 
ATOM   150 N  N   . SER A 1 19 ? -5.286  -3.161  11.530  1.00 10.25 ? 55  SER A N   1 
ATOM   151 C  CA  . SER A 1 19 ? -6.107  -2.021  11.831  1.00 10.45 ? 55  SER A CA  1 
ATOM   152 C  C   . SER A 1 19 ? -7.126  -1.751  10.726  1.00 11.06 ? 55  SER A C   1 
ATOM   153 O  O   . SER A 1 19 ? -8.025  -0.941  10.911  1.00 13.14 ? 55  SER A O   1 
ATOM   154 C  CB  . SER A 1 19 ? -5.229  -0.799  11.986  1.00 10.85 ? 55  SER A CB  1 
ATOM   155 O  OG  . SER A 1 19 ? -4.678  -0.465  10.699  1.00 11.40 ? 55  SER A OG  1 
ATOM   156 N  N   . GLY A 1 20 ? -6.987  -2.403  9.551   1.00 10.98 ? 56  GLY A N   1 
ATOM   157 C  CA  . GLY A 1 20 ? -7.892  -2.140  8.427   1.00 10.15 ? 56  GLY A CA  1 
ATOM   158 C  C   . GLY A 1 20 ? -7.371  -1.031  7.502   1.00 10.33 ? 56  GLY A C   1 
ATOM   159 O  O   . GLY A 1 20 ? -8.008  -0.687  6.471   1.00 11.22 ? 56  GLY A O   1 
ATOM   160 N  N   . PHE A 1 21 ? -6.205  -0.454  7.848   1.00 8.73  ? 57  PHE A N   1 
ATOM   161 C  CA  . PHE A 1 21 ? -5.586  0.610   7.043   1.00 7.68  ? 57  PHE A CA  1 
ATOM   162 C  C   . PHE A 1 21 ? -4.102  0.427   7.049   1.00 8.07  ? 57  PHE A C   1 
ATOM   163 O  O   . PHE A 1 21 ? -3.567  -0.201  7.951   1.00 8.06  ? 57  PHE A O   1 
ATOM   164 C  CB  . PHE A 1 21 ? -5.862  1.999   7.654   1.00 8.74  ? 57  PHE A CB  1 
ATOM   165 C  CG  . PHE A 1 21 ? -7.324  2.337   7.713   1.00 9.92  ? 57  PHE A CG  1 
ATOM   166 C  CD1 . PHE A 1 21 ? -8.096  1.965   8.802   1.00 11.57 ? 57  PHE A CD1 1 
ATOM   167 C  CD2 . PHE A 1 21 ? -7.935  2.975   6.643   1.00 12.84 ? 57  PHE A CD2 1 
ATOM   168 C  CE1 . PHE A 1 21 ? -9.452  2.196   8.808   1.00 13.47 ? 57  PHE A CE1 1 
ATOM   169 C  CE2 . PHE A 1 21 ? -9.323  3.227   6.631   1.00 13.39 ? 57  PHE A CE2 1 
ATOM   170 C  CZ  . PHE A 1 21 ? -10.077 2.836   7.707   1.00 14.27 ? 57  PHE A CZ  1 
ATOM   171 N  N   . ILE A 1 22 ? -3.450  0.966   6.023   1.00 7.88  ? 58  ILE A N   1 
ATOM   172 C  CA  . ILE A 1 22 ? -1.978  0.928   5.980   1.00 7.09  ? 58  ILE A CA  1 
ATOM   173 C  C   . ILE A 1 22 ? -1.548  2.321   6.525   1.00 9.97  ? 58  ILE A C   1 
ATOM   174 O  O   . ILE A 1 22 ? -1.853  3.357   5.915   1.00 8.59  ? 58  ILE A O   1 
ATOM   175 C  CB  . ILE A 1 22 ? -1.462  0.748   4.526   1.00 8.88  ? 58  ILE A CB  1 
ATOM   176 C  CG1 A ILE A 1 22 ? -1.827  -0.644  4.030   0.74 10.66 ? 58  ILE A CG1 1 
ATOM   177 C  CG1 B ILE A 1 22 ? -2.228  -0.383  3.856   0.26 5.40  ? 58  ILE A CG1 1 
ATOM   178 C  CG2 A ILE A 1 22 ? 0.046   0.990   4.487   0.74 7.93  ? 58  ILE A CG2 1 
ATOM   179 C  CG2 B ILE A 1 22 ? 0.033   0.420   4.540   0.26 4.94  ? 58  ILE A CG2 1 
ATOM   180 C  CD1 A ILE A 1 22 ? -1.666  -0.797  2.534   0.74 12.40 ? 58  ILE A CD1 1 
ATOM   181 C  CD1 B ILE A 1 22 ? -2.024  -1.723  4.542   0.26 6.52  ? 58  ILE A CD1 1 
ATOM   182 N  N   . GLU A 1 23 ? -0.929  2.332   7.712   1.00 7.13  ? 59  GLU A N   1 
ATOM   183 C  CA  . GLU A 1 23 ? -0.411  3.580   8.309   1.00 8.53  ? 59  GLU A CA  1 
ATOM   184 C  C   . GLU A 1 23 ? 1.028   3.788   7.792   1.00 8.74  ? 59  GLU A C   1 
ATOM   185 O  O   . GLU A 1 23 ? 1.608   2.907   7.168   1.00 8.11  ? 59  GLU A O   1 
ATOM   186 C  CB  . GLU A 1 23 ? -0.402  3.456   9.833   1.00 8.39  ? 59  GLU A CB  1 
ATOM   187 C  CG  . GLU A 1 23 ? -1.827  3.451   10.405  1.00 11.19 ? 59  GLU A CG  1 
ATOM   188 C  CD  . GLU A 1 23 ? -2.490  2.046   10.451  1.00 9.07  ? 59  GLU A CD  1 
ATOM   189 O  OE1 . GLU A 1 23 ? -1.753  1.046   10.368  1.00 9.37  ? 59  GLU A OE1 1 
ATOM   190 O  OE2 . GLU A 1 23 ? -3.758  1.997   10.579  1.00 11.57 ? 59  GLU A OE2 1 
ATOM   191 N  N   . GLU A 1 24 ? 1.607   4.938   8.090   1.00 8.41  ? 60  GLU A N   1 
ATOM   192 C  CA  . GLU A 1 24 ? 2.950   5.220   7.568   1.00 8.28  ? 60  GLU A CA  1 
ATOM   193 C  C   . GLU A 1 24 ? 3.985   4.127   7.891   1.00 11.76 ? 60  GLU A C   1 
ATOM   194 O  O   . GLU A 1 24 ? 4.824   3.778   7.043   1.00 9.69  ? 60  GLU A O   1 
ATOM   195 C  CB  . GLU A 1 24 ? 3.445   6.565   8.126   1.00 8.89  ? 60  GLU A CB  1 
ATOM   196 C  CG  . GLU A 1 24 ? 4.719   7.002   7.460   1.00 11.22 ? 60  GLU A CG  1 
ATOM   197 C  CD  . GLU A 1 24 ? 5.427   8.174   8.181   1.00 15.32 ? 60  GLU A CD  1 
ATOM   198 O  OE1 . GLU A 1 24 ? 4.985   8.608   9.252   1.00 16.42 ? 60  GLU A OE1 1 
ATOM   199 O  OE2 . GLU A 1 24 ? 6.442   8.664   7.660   1.00 15.93 ? 60  GLU A OE2 1 
ATOM   200 N  N   . ASP A 1 25 ? 3.916   3.574   9.110   1.00 10.12 ? 61  ASP A N   1 
ATOM   201 C  CA  . ASP A 1 25 ? 4.907   2.577   9.489   1.00 10.08 ? 61  ASP A CA  1 
ATOM   202 C  C   . ASP A 1 25 ? 4.785   1.248   8.729   1.00 13.22 ? 61  ASP A C   1 
ATOM   203 O  O   . ASP A 1 25 ? 5.675   0.395   8.843   1.00 16.18 ? 61  ASP A O   1 
ATOM   204 C  CB  . ASP A 1 25 ? 4.894   2.307   10.987  1.00 11.07 ? 61  ASP A CB  1 
ATOM   205 C  CG  . ASP A 1 25 ? 3.619   1.630   11.457  1.00 17.65 ? 61  ASP A CG  1 
ATOM   206 O  OD1 . ASP A 1 25 ? 2.612   1.571   10.730  1.00 14.51 ? 61  ASP A OD1 1 
ATOM   207 O  OD2 . ASP A 1 25 ? 3.626   1.164   12.604  1.00 27.13 ? 61  ASP A OD2 1 
ATOM   208 N  N   . GLU A 1 26 ? 3.730   1.072   7.938   1.00 7.08  ? 62  GLU A N   1 
ATOM   209 C  CA  . GLU A 1 26 ? 3.545   -0.154  7.163   1.00 8.49  ? 62  GLU A CA  1 
ATOM   210 C  C   . GLU A 1 26 ? 3.770   0.050   5.656   1.00 9.24  ? 62  GLU A C   1 
ATOM   211 O  O   . GLU A 1 26 ? 4.007   -0.913  4.924   1.00 9.11  ? 62  GLU A O   1 
ATOM   212 C  CB  . GLU A 1 26 ? 2.102   -0.640  7.352   1.00 8.78  ? 62  GLU A CB  1 
ATOM   213 C  CG  . GLU A 1 26 ? 1.836   -1.172  8.759   1.00 8.94  ? 62  GLU A CG  1 
ATOM   214 C  CD  . GLU A 1 26 ? 0.343   -1.316  9.062   1.00 10.31 ? 62  GLU A CD  1 
ATOM   215 O  OE1 . GLU A 1 26 ? -0.468  -0.791  8.272   1.00 9.24  ? 62  GLU A OE1 1 
ATOM   216 O  OE2 . GLU A 1 26 ? -0.019  -1.905  10.081  1.00 11.25 ? 62  GLU A OE2 1 
ATOM   217 N  N   . LEU A 1 27 ? 3.719   1.322   5.216   1.00 8.13  ? 63  LEU A N   1 
ATOM   218 C  CA  . LEU A 1 27 ? 3.746   1.592   3.775   1.00 9.84  ? 63  LEU A CA  1 
ATOM   219 C  C   . LEU A 1 27 ? 5.093   1.352   3.050   1.00 9.29  ? 63  LEU A C   1 
ATOM   220 O  O   . LEU A 1 27 ? 5.097   1.049   1.858   1.00 11.38 ? 63  LEU A O   1 
ATOM   221 C  CB  . LEU A 1 27 ? 3.252   3.028   3.536   1.00 9.12  ? 63  LEU A CB  1 
ATOM   222 C  CG  . LEU A 1 27 ? 3.008   3.410   2.062   1.00 12.82 ? 63  LEU A CG  1 
ATOM   223 C  CD1 . LEU A 1 27 ? 1.888   2.581   1.396   1.00 13.28 ? 63  LEU A CD1 1 
ATOM   224 C  CD2 . LEU A 1 27 ? 2.629   4.866   2.067   1.00 12.77 ? 63  LEU A CD2 1 
ATOM   225 N  N   . GLY A 1 28 ? 6.209   1.476   3.768   1.00 9.38  ? 64  GLY A N   1 
ATOM   226 C  CA  . GLY A 1 28 ? 7.513   1.292   3.141   1.00 8.94  ? 64  GLY A CA  1 
ATOM   227 C  C   . GLY A 1 28 ? 7.797   -0.079  2.548   1.00 11.48 ? 64  GLY A C   1 
ATOM   228 O  O   . GLY A 1 28 ? 8.689   -0.231  1.683   1.00 11.89 ? 64  GLY A O   1 
ATOM   229 N  N   . SER A 1 29 ? 7.012   -1.067  2.989   1.00 9.28  ? 65  SER A N   1 
ATOM   230 C  CA  . SER A 1 29 ? 7.160   -2.440  2.546   1.00 12.39 ? 65  SER A CA  1 
ATOM   231 C  C   . SER A 1 29 ? 6.278   -2.714  1.347   1.00 13.00 ? 65  SER A C   1 
ATOM   232 O  O   . SER A 1 29 ? 6.163   -3.890  0.919   1.00 13.01 ? 65  SER A O   1 
ATOM   233 C  CB  . SER A 1 29 ? 6.692   -3.400  3.649   1.00 14.73 ? 65  SER A CB  1 
ATOM   234 O  OG  . SER A 1 29 ? 7.530   -3.259  4.763   1.00 20.60 ? 65  SER A OG  1 
ATOM   235 N  N   . ILE A 1 30 ? 5.652   -1.671  0.793   1.00 9.58  ? 66  ILE A N   1 
ATOM   236 C  CA  . ILE A 1 30 ? 4.686   -1.926  -0.269  1.00 11.28 ? 66  ILE A CA  1 
ATOM   237 C  C   . ILE A 1 30 ? 5.220   -2.755  -1.468  1.00 14.00 ? 66  ILE A C   1 
ATOM   238 O  O   . ILE A 1 30 ? 4.520   -3.658  -1.921  1.00 16.35 ? 66  ILE A O   1 
ATOM   239 C  CB  . ILE A 1 30 ? 4.036   -0.592  -0.776  1.00 12.72 ? 66  ILE A CB  1 
ATOM   240 C  CG1 . ILE A 1 30 ? 2.895   -0.884  -1.799  1.00 13.69 ? 66  ILE A CG1 1 
ATOM   241 C  CG2 . ILE A 1 30 ? 5.129   0.300   -1.377  1.00 12.94 ? 66  ILE A CG2 1 
ATOM   242 C  CD1 . ILE A 1 30 ? 2.018   0.358   -2.057  1.00 15.62 ? 66  ILE A CD1 1 
ATOM   243 N  N   . LEU A 1 31 ? 6.430   -2.519  -1.978  1.00 10.13 ? 67  LEU A N   1 
ATOM   244 C  CA  . LEU A 1 31 ? 6.869   -3.307  -3.142  1.00 9.40  ? 67  LEU A CA  1 
ATOM   245 C  C   . LEU A 1 31 ? 7.077   -4.754  -2.723  1.00 11.70 ? 67  LEU A C   1 
ATOM   246 O  O   . LEU A 1 31 ? 6.848   -5.678  -3.514  1.00 15.51 ? 67  LEU A O   1 
ATOM   247 C  CB  . LEU A 1 31 ? 8.165   -2.739  -3.732  1.00 12.67 ? 67  LEU A CB  1 
ATOM   248 C  CG  . LEU A 1 31 ? 8.177   -1.237  -4.002  1.00 11.63 ? 67  LEU A CG  1 
ATOM   249 C  CD1 . LEU A 1 31 ? 9.586   -0.793  -4.448  1.00 14.71 ? 67  LEU A CD1 1 
ATOM   250 C  CD2 . LEU A 1 31 ? 7.129   -0.917  -5.039  1.00 15.54 ? 67  LEU A CD2 1 
ATOM   251 N  N   . LYS A 1 32 ? 7.506   -4.964  -1.478  1.00 11.91 ? 68  LYS A N   1 
ATOM   252 C  CA  . LYS A 1 32 ? 7.715   -6.336  -0.952  1.00 14.93 ? 68  LYS A CA  1 
ATOM   253 C  C   . LYS A 1 32 ? 6.395   -7.122  -0.831  1.00 20.05 ? 68  LYS A C   1 
ATOM   254 O  O   . LYS A 1 32 ? 6.391   -8.348  -0.864  1.00 20.52 ? 68  LYS A O   1 
ATOM   255 C  CB  . LYS A 1 32 ? 8.386   -6.293  0.425   1.00 17.25 ? 68  LYS A CB  1 
ATOM   256 C  CG  . LYS A 1 32 ? 9.772   -5.822  0.347   1.00 17.77 ? 68  LYS A CG  1 
ATOM   257 C  CD  . LYS A 1 32 ? 10.439  -6.003  1.654   1.00 27.72 ? 68  LYS A CD  1 
ATOM   258 C  CE  . LYS A 1 32 ? 11.870  -6.427  1.386   1.00 38.47 ? 68  LYS A CE  1 
ATOM   259 N  NZ  . LYS A 1 32 ? 12.847  -5.276  1.209   1.00 44.03 ? 68  LYS A NZ  1 
ATOM   260 N  N   . GLY A 1 33 ? 5.270   -6.415  -0.711  1.00 18.78 ? 69  GLY A N   1 
ATOM   261 C  CA  . GLY A 1 33 ? 3.992   -7.088  -0.596  1.00 19.06 ? 69  GLY A CA  1 
ATOM   262 C  C   . GLY A 1 33 ? 3.737   -7.809  -1.893  1.00 22.30 ? 69  GLY A C   1 
ATOM   263 O  O   . GLY A 1 33 ? 3.058   -8.854  -1.905  1.00 23.69 ? 69  GLY A O   1 
ATOM   264 N  N   . PHE A 1 34 ? 4.257   -7.268  -2.998  1.00 22.69 ? 70  PHE A N   1 
ATOM   265 C  CA  . PHE A 1 34 ? 4.040   -7.923  -4.302  1.00 25.82 ? 70  PHE A CA  1 
ATOM   266 C  C   . PHE A 1 34 ? 5.092   -8.977  -4.693  1.00 27.17 ? 70  PHE A C   1 
ATOM   267 O  O   . PHE A 1 34 ? 4.760   -10.010 -5.289  1.00 29.20 ? 70  PHE A O   1 
ATOM   268 C  CB  . PHE A 1 34 ? 3.966   -6.874  -5.399  1.00 24.72 ? 70  PHE A CB  1 
ATOM   269 C  CG  . PHE A 1 34 ? 2.762   -6.008  -5.315  1.00 24.15 ? 70  PHE A CG  1 
ATOM   270 C  CD1 . PHE A 1 34 ? 1.555   -6.430  -5.847  1.00 21.95 ? 70  PHE A CD1 1 
ATOM   271 C  CD2 . PHE A 1 34 ? 2.837   -4.785  -4.687  1.00 25.32 ? 70  PHE A CD2 1 
ATOM   272 C  CE1 . PHE A 1 34 ? 0.451   -5.640  -5.763  1.00 25.26 ? 70  PHE A CE1 1 
ATOM   273 C  CE2 . PHE A 1 34 ? 1.734   -3.977  -4.593  1.00 26.52 ? 70  PHE A CE2 1 
ATOM   274 C  CZ  . PHE A 1 34 ? 0.535   -4.405  -5.126  1.00 28.94 ? 70  PHE A CZ  1 
ATOM   275 N  N   . SER A 1 35 ? 6.346   -8.707  -4.355  1.00 24.25 ? 71  SER A N   1 
ATOM   276 C  CA  . SER A 1 35 ? 7.464   -9.604  -4.674  1.00 23.79 ? 71  SER A CA  1 
ATOM   277 C  C   . SER A 1 35 ? 8.453   -9.526  -3.478  1.00 22.58 ? 71  SER A C   1 
ATOM   278 O  O   . SER A 1 35 ? 8.993   -8.466  -3.169  1.00 19.64 ? 71  SER A O   1 
ATOM   279 C  CB  . SER A 1 35 ? 8.120   -9.112  -5.970  1.00 24.56 ? 71  SER A CB  1 
ATOM   280 O  OG  . SER A 1 35 ? 9.104   -10.029 -6.362  1.00 36.89 ? 71  SER A OG  1 
ATOM   281 N  N   . SER A 1 36 ? 8.694   -10.630 -2.798  1.00 21.47 ? 72  SER A N   1 
ATOM   282 C  CA  A SER A 1 36 ? 9.591   -10.591 -1.663  0.72 26.24 ? 72  SER A CA  1 
ATOM   283 C  CA  B SER A 1 36 ? 9.595   -10.581 -1.658  0.28 25.29 ? 72  SER A CA  1 
ATOM   284 C  C   . SER A 1 36 ? 11.027  -10.130 -1.997  1.00 24.69 ? 72  SER A C   1 
ATOM   285 O  O   . SER A 1 36 ? 11.814  -9.737  -1.099  1.00 28.64 ? 72  SER A O   1 
ATOM   286 C  CB  A SER A 1 36 ? 9.599   -11.976 -0.980  0.72 30.56 ? 72  SER A CB  1 
ATOM   287 C  CB  B SER A 1 36 ? 9.608   -11.944 -0.951  0.28 28.11 ? 72  SER A CB  1 
ATOM   288 O  OG  A SER A 1 36 ? 10.536  -12.858 -1.588  0.72 30.22 ? 72  SER A OG  1 
ATOM   289 O  OG  B SER A 1 36 ? 8.436   -12.112 -0.169  0.28 28.94 ? 72  SER A OG  1 
ATOM   290 N  N   . ASP A 1 37 ? 11.399  -10.155 -3.271  1.00 22.05 ? 73  ASP A N   1 
ATOM   291 C  CA  . ASP A 1 37 ? 12.771  -9.728  -3.615  1.00 22.05 ? 73  ASP A CA  1 
ATOM   292 C  C   . ASP A 1 37 ? 12.870  -8.205  -3.930  1.00 23.38 ? 73  ASP A C   1 
ATOM   293 O  O   . ASP A 1 37 ? 13.927  -7.732  -4.403  1.00 18.42 ? 73  ASP A O   1 
ATOM   294 C  CB  . ASP A 1 37 ? 13.275  -10.507 -4.815  1.00 23.60 ? 73  ASP A CB  1 
ATOM   295 C  CG  . ASP A 1 37 ? 12.314  -10.414 -6.028  1.00 34.90 ? 73  ASP A CG  1 
ATOM   296 O  OD1 . ASP A 1 37 ? 11.561  -9.419  -6.170  1.00 36.79 ? 73  ASP A OD1 1 
ATOM   297 O  OD2 . ASP A 1 37 ? 12.308  -11.343 -6.863  1.00 39.90 ? 73  ASP A OD2 1 
ATOM   298 N  N   . ALA A 1 38 ? 11.764  -7.459  -3.705  1.00 15.25 ? 74  ALA A N   1 
ATOM   299 C  CA  . ALA A 1 38 ? 11.746  -6.023  -3.989  1.00 13.50 ? 74  ALA A CA  1 
ATOM   300 C  C   . ALA A 1 38 ? 12.395  -5.224  -2.859  1.00 12.83 ? 74  ALA A C   1 
ATOM   301 O  O   . ALA A 1 38 ? 12.477  -5.667  -1.698  1.00 14.25 ? 74  ALA A O   1 
ATOM   302 C  CB  . ALA A 1 38 ? 10.304  -5.531  -4.214  1.00 14.54 ? 74  ALA A CB  1 
ATOM   303 N  N   . ARG A 1 39 ? 12.825  -4.014  -3.204  1.00 10.86 ? 75  ARG A N   1 
ATOM   304 C  CA  . ARG A 1 39 ? 13.487  -3.184  -2.225  1.00 10.53 ? 75  ARG A CA  1 
ATOM   305 C  C   . ARG A 1 39 ? 12.503  -2.492  -1.288  1.00 10.88 ? 75  ARG A C   1 
ATOM   306 O  O   . ARG A 1 39 ? 11.292  -2.442  -1.554  1.00 11.30 ? 75  ARG A O   1 
ATOM   307 C  CB  . ARG A 1 39 ? 14.290  -2.112  -2.928  1.00 9.78  ? 75  ARG A CB  1 
ATOM   308 C  CG  . ARG A 1 39 ? 13.406  -1.053  -3.606  1.00 11.34 ? 75  ARG A CG  1 
ATOM   309 C  CD  . ARG A 1 39 ? 14.316  0.016   -4.194  1.00 10.15 ? 75  ARG A CD  1 
ATOM   310 N  NE  . ARG A 1 39 ? 13.623  1.083   -4.931  1.00 11.43 ? 75  ARG A NE  1 
ATOM   311 C  CZ  . ARG A 1 39 ? 13.188  2.206   -4.364  1.00 14.69 ? 75  ARG A CZ  1 
ATOM   312 N  NH1 . ARG A 1 39 ? 13.219  2.346   -3.031  1.00 11.63 ? 75  ARG A NH1 1 
ATOM   313 N  NH2 . ARG A 1 39 ? 12.747  3.211   -5.112  1.00 12.91 ? 75  ARG A NH2 1 
ATOM   314 N  N   . ASP A 1 40 ? 13.052  -1.979  -0.188  1.00 8.80  ? 76  ASP A N   1 
ATOM   315 C  CA  . ASP A 1 40 ? 12.254  -1.165  0.726   1.00 9.15  ? 76  ASP A CA  1 
ATOM   316 C  C   . ASP A 1 40 ? 12.236  0.247   0.183   1.00 11.16 ? 76  ASP A C   1 
ATOM   317 O  O   . ASP A 1 40 ? 13.212  0.675   -0.456  1.00 10.65 ? 76  ASP A O   1 
ATOM   318 C  CB  . ASP A 1 40 ? 12.944  -1.034  2.049   1.00 10.78 ? 76  ASP A CB  1 
ATOM   319 C  CG  . ASP A 1 40 ? 12.812  -2.263  2.896   1.00 21.36 ? 76  ASP A CG  1 
ATOM   320 O  OD1 . ASP A 1 40 ? 11.869  -3.058  2.729   1.00 24.98 ? 76  ASP A OD1 1 
ATOM   321 O  OD2 . ASP A 1 40 ? 13.673  -2.403  3.762   1.00 30.93 ? 76  ASP A OD2 1 
ATOM   322 N  N   . LEU A 1 41 ? 11.149  0.983   0.412   1.00 8.16  ? 77  LEU A N   1 
ATOM   323 C  CA  . LEU A 1 41 ? 11.139  2.385   0.037   1.00 9.08  ? 77  LEU A CA  1 
ATOM   324 C  C   . LEU A 1 41 ? 11.918  3.129   1.146   1.00 10.65 ? 77  LEU A C   1 
ATOM   325 O  O   . LEU A 1 41 ? 11.945  2.672   2.303   1.00 11.93 ? 77  LEU A O   1 
ATOM   326 C  CB  . LEU A 1 41 ? 9.729   2.955   0.084   1.00 9.58  ? 77  LEU A CB  1 
ATOM   327 C  CG  . LEU A 1 41 ? 8.745   2.369   -0.890  1.00 14.67 ? 77  LEU A CG  1 
ATOM   328 C  CD1 . LEU A 1 41 ? 7.438   3.161   -0.842  1.00 14.63 ? 77  LEU A CD1 1 
ATOM   329 C  CD2 . LEU A 1 41 ? 9.339   2.445   -2.217  1.00 15.14 ? 77  LEU A CD2 1 
ATOM   330 N  N   . SER A 1 42 ? 12.536  4.268   0.822   1.00 8.58  ? 78  SER A N   1 
ATOM   331 C  CA  . SER A 1 42 ? 13.221  5.052   1.848   1.00 7.81  ? 78  SER A CA  1 
ATOM   332 C  C   . SER A 1 42 ? 12.127  5.777   2.663   1.00 12.82 ? 78  SER A C   1 
ATOM   333 O  O   . SER A 1 42 ? 10.958  5.796   2.260   1.00 9.74  ? 78  SER A O   1 
ATOM   334 C  CB  . SER A 1 42 ? 14.086  6.107   1.193   1.00 9.71  ? 78  SER A CB  1 
ATOM   335 O  OG  . SER A 1 42 ? 13.280  7.015   0.479   1.00 10.36 ? 78  SER A OG  1 
ATOM   336 N  N   . ALA A 1 43 ? 12.501  6.407   3.773   1.00 11.49 ? 79  ALA A N   1 
ATOM   337 C  CA  . ALA A 1 43 ? 11.508  7.145   4.563   1.00 10.94 ? 79  ALA A CA  1 
ATOM   338 C  C   . ALA A 1 43 ? 10.888  8.273   3.725   1.00 9.23  ? 79  ALA A C   1 
ATOM   339 O  O   . ALA A 1 43 ? 9.695   8.484   3.787   1.00 12.60 ? 79  ALA A O   1 
ATOM   340 C  CB  . ALA A 1 43 ? 12.164  7.731   5.834   1.00 13.14 ? 79  ALA A CB  1 
ATOM   341 N  N   . LYS A 1 44 ? 11.693  8.993   2.949   1.00 10.04 ? 80  LYS A N   1 
ATOM   342 C  CA  . LYS A 1 44 ? 11.209  10.081  2.127   1.00 10.00 ? 80  LYS A CA  1 
ATOM   343 C  C   . LYS A 1 44 ? 10.245  9.577   1.047   1.00 8.60  ? 80  LYS A C   1 
ATOM   344 O  O   . LYS A 1 44 ? 9.216   10.205  0.782   1.00 10.14 ? 80  LYS A O   1 
ATOM   345 C  CB  . LYS A 1 44 ? 12.376  10.785  1.477   1.00 15.57 ? 80  LYS A CB  1 
ATOM   346 C  CG  . LYS A 1 44 ? 12.042  12.125  0.990   1.00 31.30 ? 80  LYS A CG  1 
ATOM   347 C  CD  . LYS A 1 44 ? 13.306  12.957  0.791   1.00 53.88 ? 80  LYS A CD  1 
ATOM   348 C  CE  . LYS A 1 44 ? 12.979  14.448  0.428   1.00 65.94 ? 80  LYS A CE  1 
ATOM   349 N  NZ  . LYS A 1 44 ? 13.364  15.506  1.456   1.00 70.45 ? 80  LYS A NZ  1 
ATOM   350 N  N   . GLU A 1 45 ? 10.571  8.448   0.405   1.00 7.62  ? 81  GLU A N   1 
ATOM   351 C  CA  . GLU A 1 45 ? 9.668   7.904   -0.595  1.00 6.85  ? 81  GLU A CA  1 
ATOM   352 C  C   . GLU A 1 45 ? 8.344   7.494   0.057   1.00 8.53  ? 81  GLU A C   1 
ATOM   353 O  O   . GLU A 1 45 ? 7.282   7.613   -0.548  1.00 8.85  ? 81  GLU A O   1 
ATOM   354 C  CB  . GLU A 1 45 ? 10.274  6.664   -1.234  1.00 9.41  ? 81  GLU A CB  1 
ATOM   355 C  CG  . GLU A 1 45 ? 11.451  7.028   -2.116  1.00 11.74 ? 81  GLU A CG  1 
ATOM   356 C  CD  . GLU A 1 45 ? 12.135  5.796   -2.702  1.00 17.53 ? 81  GLU A CD  1 
ATOM   357 O  OE1 . GLU A 1 45 ? 12.400  4.870   -1.940  1.00 12.43 ? 81  GLU A OE1 1 
ATOM   358 O  OE2 . GLU A 1 45 ? 12.401  5.747   -3.926  1.00 18.74 ? 81  GLU A OE2 1 
ATOM   359 N  N   . THR A 1 46 ? 8.405   6.962   1.266   1.00 7.11  ? 82  THR A N   1 
ATOM   360 C  CA  . THR A 1 46 ? 7.194   6.514   1.939   1.00 6.87  ? 82  THR A CA  1 
ATOM   361 C  C   . THR A 1 46 ? 6.282   7.701   2.264   1.00 9.21  ? 82  THR A C   1 
ATOM   362 O  O   . THR A 1 46 ? 5.034   7.633   2.069   1.00 10.80 ? 82  THR A O   1 
ATOM   363 C  CB  . THR A 1 46 ? 7.560   5.767   3.220   1.00 10.81 ? 82  THR A CB  1 
ATOM   364 O  OG1 . THR A 1 46 ? 8.365   4.634   2.858   1.00 11.60 ? 82  THR A OG1 1 
ATOM   365 C  CG2 . THR A 1 46 ? 6.301   5.278   3.950   1.00 11.65 ? 82  THR A CG2 1 
ATOM   366 N  N   . LYS A 1 47 ? 6.879   8.792   2.737   1.00 7.42  ? 83  LYS A N   1 
ATOM   367 C  CA  . LYS A 1 47 ? 6.052   9.961   3.074   1.00 8.37  ? 83  LYS A CA  1 
ATOM   368 C  C   . LYS A 1 47 ? 5.408   10.535  1.822   1.00 8.41  ? 83  LYS A C   1 
ATOM   369 O  O   . LYS A 1 47 ? 4.231   10.942  1.828   1.00 10.43 ? 83  LYS A O   1 
ATOM   370 C  CB  . LYS A 1 47 ? 6.898   11.028  3.776   1.00 9.72  ? 83  LYS A CB  1 
ATOM   371 C  CG  . LYS A 1 47 ? 7.390   10.557  5.146   1.00 11.59 ? 83  LYS A CG  1 
ATOM   372 C  CD  . LYS A 1 47 ? 8.315   11.609  5.795   1.00 15.00 ? 83  LYS A CD  1 
ATOM   373 C  CE  . LYS A 1 47 ? 9.015   11.070  7.045   1.00 12.88 ? 83  LYS A CE  1 
ATOM   374 N  NZ  . LYS A 1 47 ? 8.029   10.764  8.109   1.00 14.49 ? 83  LYS A NZ  1 
ATOM   375 N  N   . THR A 1 48 ? 6.176   10.547  0.737   1.00 7.35  ? 84  THR A N   1 
ATOM   376 C  CA  . THR A 1 48 ? 5.651   11.044  -0.542  1.00 8.73  ? 84  THR A CA  1 
ATOM   377 C  C   . THR A 1 48 ? 4.509   10.172  -1.044  1.00 9.28  ? 84  THR A C   1 
ATOM   378 O  O   . THR A 1 48 ? 3.471   10.678  -1.494  1.00 9.80  ? 84  THR A O   1 
ATOM   379 C  CB  . THR A 1 48 ? 6.788   11.053  -1.598  1.00 12.78 ? 84  THR A CB  1 
ATOM   380 O  OG1 . THR A 1 48 ? 7.841   11.917  -1.100  1.00 12.79 ? 84  THR A OG1 1 
ATOM   381 C  CG2 . THR A 1 48 ? 6.254   11.511  -2.966  1.00 13.44 ? 84  THR A CG2 1 
ATOM   382 N  N   . LEU A 1 49 ? 4.710   8.854   -0.943  1.00 8.09  ? 85  LEU A N   1 
ATOM   383 C  CA  . LEU A 1 49 ? 3.694   7.939   -1.412  1.00 8.37  ? 85  LEU A CA  1 
ATOM   384 C  C   . LEU A 1 49 ? 2.405   8.061   -0.551  1.00 9.82  ? 85  LEU A C   1 
ATOM   385 O  O   . LEU A 1 49 ? 1.273   7.982   -1.088  1.00 8.85  ? 85  LEU A O   1 
ATOM   386 C  CB  . LEU A 1 49 ? 4.227   6.486   -1.429  1.00 8.52  ? 85  LEU A CB  1 
ATOM   387 C  CG  . LEU A 1 49 ? 3.195   5.490   -1.974  1.00 11.16 ? 85  LEU A CG  1 
ATOM   388 C  CD1 . LEU A 1 49 ? 2.826   5.786   -3.368  1.00 12.79 ? 85  LEU A CD1 1 
ATOM   389 C  CD2 . LEU A 1 49 ? 3.791   4.092   -1.895  1.00 16.32 ? 85  LEU A CD2 1 
ATOM   390 N  N   . MET A 1 50 ? 2.573   8.198   0.768   1.00 8.00  ? 86  MET A N   1 
ATOM   391 C  CA  . MET A 1 50 ? 1.410   8.335   1.614   1.00 7.32  ? 86  MET A CA  1 
ATOM   392 C  C   . MET A 1 50 ? 0.603   9.582   1.194   1.00 11.24 ? 86  MET A C   1 
ATOM   393 O  O   . MET A 1 50 ? -0.639  9.528   1.019   1.00 10.49 ? 86  MET A O   1 
ATOM   394 C  CB  . MET A 1 50 ? 1.845   8.499   3.069   1.00 10.54 ? 86  MET A CB  1 
ATOM   395 C  CG  . MET A 1 50 ? 0.686   8.772   4.011   1.00 11.42 ? 86  MET A CG  1 
ATOM   396 S  SD  . MET A 1 50 ? -0.513  7.386   4.080   1.00 13.97 ? 86  MET A SD  1 
ATOM   397 C  CE  . MET A 1 50 ? 0.272   6.271   5.212   1.00 13.01 ? 86  MET A CE  1 
ATOM   398 N  N   . ALA A 1 51 ? 1.307   10.697  0.995   1.00 9.22  ? 87  ALA A N   1 
ATOM   399 C  CA  . ALA A 1 51 ? 0.591   11.919  0.627   1.00 11.17 ? 87  ALA A CA  1 
ATOM   400 C  C   . ALA A 1 51 ? -0.149  11.790  -0.704  1.00 11.26 ? 87  ALA A C   1 
ATOM   401 O  O   . ALA A 1 51 ? -1.269  12.269  -0.884  1.00 12.08 ? 87  ALA A O   1 
ATOM   402 C  CB  . ALA A 1 51 ? 1.567   13.112  0.568   1.00 11.64 ? 87  ALA A CB  1 
ATOM   403 N  N   . ALA A 1 52 ? 0.506   11.156  -1.661  1.00 10.43 ? 88  ALA A N   1 
ATOM   404 C  CA  . ALA A 1 52 ? -0.100  10.956  -2.986  1.00 10.62 ? 88  ALA A CA  1 
ATOM   405 C  C   . ALA A 1 52 ? -1.277  9.979   -2.967  1.00 13.31 ? 88  ALA A C   1 
ATOM   406 O  O   . ALA A 1 52 ? -2.310  10.163  -3.679  1.00 14.35 ? 88  ALA A O   1 
ATOM   407 C  CB  . ALA A 1 52 ? 0.952   10.426  -3.941  1.00 13.38 ? 88  ALA A CB  1 
ATOM   408 N  N   . GLY A 1 53 ? -1.132  8.921   -2.170  1.00 10.12 ? 89  GLY A N   1 
ATOM   409 C  CA  . GLY A 1 53 ? -2.155  7.868   -2.111  1.00 11.24 ? 89  GLY A CA  1 
ATOM   410 C  C   . GLY A 1 53 ? -3.344  8.089   -1.199  1.00 10.48 ? 89  GLY A C   1 
ATOM   411 O  O   . GLY A 1 53 ? -4.375  7.502   -1.381  1.00 9.50  ? 89  GLY A O   1 
ATOM   412 N  N   . ASP A 1 54 ? -3.157  8.957   -0.215  1.00 9.66  ? 90  ASP A N   1 
ATOM   413 C  CA  . ASP A 1 54 ? -4.198  9.218   0.786   1.00 8.51  ? 90  ASP A CA  1 
ATOM   414 C  C   . ASP A 1 54 ? -5.171  10.249  0.230   1.00 10.47 ? 90  ASP A C   1 
ATOM   415 O  O   . ASP A 1 54 ? -5.120  11.427  0.581   1.00 11.33 ? 90  ASP A O   1 
ATOM   416 C  CB  . ASP A 1 54 ? -3.535  9.737   2.048   1.00 9.06  ? 90  ASP A CB  1 
ATOM   417 C  CG  . ASP A 1 54 ? -4.524  10.086  3.095   1.00 9.97  ? 90  ASP A CG  1 
ATOM   418 O  OD1 . ASP A 1 54 ? -5.667  9.595   3.029   1.00 10.49 ? 90  ASP A OD1 1 
ATOM   419 O  OD2 . ASP A 1 54 ? -4.150  10.860  4.001   1.00 12.21 ? 90  ASP A OD2 1 
ATOM   420 N  N   . LYS A 1 55 ? -6.058  9.785   -0.653  1.00 11.19 ? 91  LYS A N   1 
ATOM   421 C  CA  . LYS A 1 55 ? -6.976  10.686  -1.322  1.00 12.48 ? 91  LYS A CA  1 
ATOM   422 C  C   . LYS A 1 55 ? -7.950  11.387  -0.400  1.00 15.95 ? 91  LYS A C   1 
ATOM   423 O  O   . LYS A 1 55 ? -8.201  12.573  -0.644  1.00 17.36 ? 91  LYS A O   1 
ATOM   424 C  CB  . LYS A 1 55 ? -7.703  9.942   -2.447  1.00 16.57 ? 91  LYS A CB  1 
ATOM   425 C  CG  . LYS A 1 55 ? -6.716  9.482   -3.564  1.00 28.81 ? 91  LYS A CG  1 
ATOM   426 C  CD  . LYS A 1 55 ? -7.299  8.344   -4.398  1.00 42.71 ? 91  LYS A CD  1 
ATOM   427 C  CE  . LYS A 1 55 ? -8.385  8.851   -5.385  1.00 54.42 ? 91  LYS A CE  1 
ATOM   428 N  NZ  . LYS A 1 55 ? -7.992  8.768   -6.864  1.00 53.47 ? 91  LYS A NZ  1 
ATOM   429 N  N   . ASP A 1 56 ? -8.448  10.710  0.666   1.00 13.05 ? 92  ASP A N   1 
ATOM   430 C  CA  . ASP A 1 56 ? -9.425  11.378  1.560   1.00 13.15 ? 92  ASP A CA  1 
ATOM   431 C  C   . ASP A 1 56 ? -8.767  12.175  2.693   1.00 17.56 ? 92  ASP A C   1 
ATOM   432 O  O   . ASP A 1 56 ? -9.443  12.790  3.496   1.00 19.13 ? 92  ASP A O   1 
ATOM   433 C  CB  . ASP A 1 56 ? -10.516 10.411  2.088   1.00 12.65 ? 92  ASP A CB  1 
ATOM   434 C  CG  . ASP A 1 56 ? -10.007 9.389   3.099   1.00 16.53 ? 92  ASP A CG  1 
ATOM   435 O  OD1 . ASP A 1 56 ? -8.789  9.442   3.397   1.00 11.62 ? 92  ASP A OD1 1 
ATOM   436 O  OD2 . ASP A 1 56 ? -10.789 8.533   3.586   1.00 18.24 ? 92  ASP A OD2 1 
ATOM   437 N  N   . GLY A 1 57 ? -7.440  12.197  2.751   1.00 15.13 ? 93  GLY A N   1 
ATOM   438 C  CA  . GLY A 1 57 ? -6.775  12.989  3.767   1.00 15.94 ? 93  GLY A CA  1 
ATOM   439 C  C   . GLY A 1 57 ? -6.854  12.543  5.226   1.00 15.42 ? 93  GLY A C   1 
ATOM   440 O  O   . GLY A 1 57 ? -6.552  13.352  6.118   1.00 18.27 ? 93  GLY A O   1 
ATOM   441 N  N   . ASP A 1 58 ? -7.227  11.299  5.514   1.00 12.89 ? 94  ASP A N   1 
ATOM   442 C  CA  . ASP A 1 58 ? -7.307  10.881  6.917   1.00 10.43 ? 94  ASP A CA  1 
ATOM   443 C  C   . ASP A 1 58 ? -5.971  10.396  7.470   1.00 13.05 ? 94  ASP A C   1 
ATOM   444 O  O   . ASP A 1 58 ? -5.907  9.925   8.626   1.00 12.51 ? 94  ASP A O   1 
ATOM   445 C  CB  . ASP A 1 58 ? -8.385  9.804   7.151   1.00 10.77 ? 94  ASP A CB  1 
ATOM   446 C  CG  . ASP A 1 58 ? -8.032  8.473   6.554   1.00 12.56 ? 94  ASP A CG  1 
ATOM   447 O  OD1 . ASP A 1 58 ? -7.081  8.420   5.756   1.00 9.27  ? 94  ASP A OD1 1 
ATOM   448 O  OD2 . ASP A 1 58 ? -8.691  7.476   6.876   1.00 15.43 ? 94  ASP A OD2 1 
ATOM   449 N  N   . GLY A 1 59 ? -4.909  10.478  6.651   1.00 8.88  ? 95  GLY A N   1 
ATOM   450 C  CA  . GLY A 1 59 ? -3.586  10.106  7.125   1.00 7.72  ? 95  GLY A CA  1 
ATOM   451 C  C   . GLY A 1 59 ? -3.170  8.662   7.003   1.00 9.10  ? 95  GLY A C   1 
ATOM   452 O  O   . GLY A 1 59 ? -2.098  8.272   7.457   1.00 11.58 ? 95  GLY A O   1 
ATOM   453 N  N   . LYS A 1 60 ? -4.001  7.863   6.343   1.00 8.24  ? 96  LYS A N   1 
ATOM   454 C  CA  . LYS A 1 60 ? -3.715  6.448   6.189   1.00 10.03 ? 96  LYS A CA  1 
ATOM   455 C  C   . LYS A 1 60 ? -4.319  6.003   4.848   1.00 9.91  ? 96  LYS A C   1 
ATOM   456 O  O   . LYS A 1 60 ? -5.063  6.745   4.239   1.00 9.46  ? 96  LYS A O   1 
ATOM   457 C  CB  . LYS A 1 60 ? -4.284  5.620   7.379   1.00 10.28 ? 96  LYS A CB  1 
ATOM   458 C  CG  . LYS A 1 60 ? -5.763  5.884   7.727   1.00 13.15 ? 96  LYS A CG  1 
ATOM   459 C  CD  . LYS A 1 60 ? -6.042  5.611   9.217   1.00 15.08 ? 96  LYS A CD  1 
ATOM   460 C  CE  . LYS A 1 60 ? -7.549  5.507   9.521   1.00 20.34 ? 96  LYS A CE  1 
ATOM   461 N  NZ  . LYS A 1 60 ? -8.199  6.804   9.727   1.00 24.59 ? 96  LYS A NZ  1 
ATOM   462 N  N   . ILE A 1 61 ? -3.945  4.811   4.397   1.00 7.97  ? 97  ILE A N   1 
ATOM   463 C  CA  . ILE A 1 61 ? -4.428  4.311   3.113   1.00 7.26  ? 97  ILE A CA  1 
ATOM   464 C  C   . ILE A 1 61 ? -5.384  3.147   3.364   1.00 8.38  ? 97  ILE A C   1 
ATOM   465 O  O   . ILE A 1 61 ? -5.014  2.148   3.975   1.00 7.79  ? 97  ILE A O   1 
ATOM   466 C  CB  . ILE A 1 61 ? -3.193  3.827   2.240   1.00 10.19 ? 97  ILE A CB  1 
ATOM   467 C  CG1 A ILE A 1 61 ? -2.175  4.961   2.036   0.68 10.16 ? 97  ILE A CG1 1 
ATOM   468 C  CG1 B ILE A 1 61 ? -2.625  5.065   1.531   0.32 6.89  ? 97  ILE A CG1 1 
ATOM   469 C  CG2 A ILE A 1 61 ? -3.680  3.123   0.942   0.68 10.64 ? 97  ILE A CG2 1 
ATOM   470 C  CG2 B ILE A 1 61 ? -3.607  2.730   1.238   0.32 7.65  ? 97  ILE A CG2 1 
ATOM   471 C  CD1 A ILE A 1 61 ? -2.659  6.057   1.241   0.68 13.90 ? 97  ILE A CD1 1 
ATOM   472 C  CD1 B ILE A 1 61 ? -1.200  4.983   1.185   0.32 5.27  ? 97  ILE A CD1 1 
ATOM   473 N  N   . GLY A 1 62 ? -6.637  3.301   2.920   1.00 9.15  ? 98  GLY A N   1 
ATOM   474 C  CA  . GLY A 1 62 ? -7.606  2.231   3.085   1.00 9.07  ? 98  GLY A CA  1 
ATOM   475 C  C   . GLY A 1 62 ? -7.648  1.323   1.844   1.00 9.63  ? 98  GLY A C   1 
ATOM   476 O  O   . GLY A 1 62 ? -6.877  1.498   0.864   1.00 9.87  ? 98  GLY A O   1 
ATOM   477 N  N   . VAL A 1 63 ? -8.575  0.373   1.847   1.00 9.73  ? 99  VAL A N   1 
ATOM   478 C  CA  . VAL A 1 63 ? -8.606  -0.568  0.751   1.00 10.00 ? 99  VAL A CA  1 
ATOM   479 C  C   . VAL A 1 63 ? -8.872  0.056   -0.620  1.00 10.48 ? 99  VAL A C   1 
ATOM   480 O  O   . VAL A 1 63 ? -8.229  -0.348  -1.625  1.00 11.53 ? 99  VAL A O   1 
ATOM   481 C  CB  . VAL A 1 63 ? -9.619  -1.715  1.027   1.00 11.47 ? 99  VAL A CB  1 
ATOM   482 C  CG1 A VAL A 1 63 ? -9.786  -2.557  -0.176  0.75 18.48 ? 99  VAL A CG1 1 
ATOM   483 C  CG1 B VAL A 1 63 ? -11.017 -1.188  1.062   0.25 6.25  ? 99  VAL A CG1 1 
ATOM   484 C  CG2 A VAL A 1 63 ? -9.150  -2.535  2.141   0.75 15.71 ? 99  VAL A CG2 1 
ATOM   485 C  CG2 B VAL A 1 63 ? -9.454  -2.798  -0.003  0.25 12.81 ? 99  VAL A CG2 1 
ATOM   486 N  N   . GLU A 1 64 ? -9.796  1.010   -0.697  1.00 8.03  ? 100 GLU A N   1 
ATOM   487 C  CA  . GLU A 1 64 ? -10.093 1.638   -2.006  1.00 9.63  ? 100 GLU A CA  1 
ATOM   488 C  C   . GLU A 1 64 ? -8.921  2.480   -2.490  1.00 10.57 ? 100 GLU A C   1 
ATOM   489 O  O   . GLU A 1 64 ? -8.580  2.464   -3.665  1.00 11.11 ? 100 GLU A O   1 
ATOM   490 C  CB  . GLU A 1 64 ? -11.335 2.534   -1.940  1.00 10.13 ? 100 GLU A CB  1 
ATOM   491 C  CG  . GLU A 1 64 ? -12.582 1.723   -1.722  1.00 12.66 ? 100 GLU A CG  1 
ATOM   492 C  CD  . GLU A 1 64 ? -12.905 0.812   -2.930  1.00 13.20 ? 100 GLU A CD  1 
ATOM   493 O  OE1 . GLU A 1 64 ? -12.910 1.252   -4.118  1.00 13.71 ? 100 GLU A OE1 1 
ATOM   494 O  OE2 . GLU A 1 64 ? -13.163 -0.358  -2.661  1.00 16.30 ? 100 GLU A OE2 1 
ATOM   495 N  N   . GLU A 1 65 ? -8.277  3.210   -1.587  1.00 9.25  ? 101 GLU A N   1 
ATOM   496 C  CA  . GLU A 1 65 ? -7.141  4.007   -1.998  1.00 7.95  ? 101 GLU A CA  1 
ATOM   497 C  C   . GLU A 1 65 ? -5.981  3.088   -2.405  1.00 9.10  ? 101 GLU A C   1 
ATOM   498 O  O   . GLU A 1 65 ? -5.233  3.391   -3.330  1.00 10.16 ? 101 GLU A O   1 
ATOM   499 C  CB  . GLU A 1 65 ? -6.699  4.874   -0.836  1.00 9.71  ? 101 GLU A CB  1 
ATOM   500 C  CG  . GLU A 1 65 ? -7.651  6.014   -0.569  1.00 9.20  ? 101 GLU A CG  1 
ATOM   501 C  CD  . GLU A 1 65 ? -7.400  6.682   0.795   1.00 11.95 ? 101 GLU A CD  1 
ATOM   502 O  OE1 . GLU A 1 65 ? -6.685  6.073   1.667   1.00 11.79 ? 101 GLU A OE1 1 
ATOM   503 O  OE2 . GLU A 1 65 ? -7.916  7.797   0.981   1.00 10.99 ? 101 GLU A OE2 1 
ATOM   504 N  N   . PHE A 1 66 ? -5.806  1.985   -1.689  1.00 7.18  ? 102 PHE A N   1 
ATOM   505 C  CA  . PHE A 1 66 ? -4.754  1.072   -2.045  1.00 8.38  ? 102 PHE A CA  1 
ATOM   506 C  C   . PHE A 1 66 ? -5.067  0.470   -3.460  1.00 9.77  ? 102 PHE A C   1 
ATOM   507 O  O   . PHE A 1 66 ? -4.179  0.358   -4.312  1.00 10.06 ? 102 PHE A O   1 
ATOM   508 C  CB  . PHE A 1 66 ? -4.666  -0.035  -1.005  1.00 8.95  ? 102 PHE A CB  1 
ATOM   509 C  CG  . PHE A 1 66 ? -3.597  -1.071  -1.341  1.00 11.42 ? 102 PHE A CG  1 
ATOM   510 C  CD1 . PHE A 1 66 ? -2.241  -0.760  -1.173  1.00 13.47 ? 102 PHE A CD1 1 
ATOM   511 C  CD2 . PHE A 1 66 ? -3.952  -2.324  -1.850  1.00 10.14 ? 102 PHE A CD2 1 
ATOM   512 C  CE1 . PHE A 1 66 ? -1.243  -1.719  -1.509  1.00 16.43 ? 102 PHE A CE1 1 
ATOM   513 C  CE2 . PHE A 1 66 ? -2.967  -3.296  -2.197  1.00 15.74 ? 102 PHE A CE2 1 
ATOM   514 C  CZ  . PHE A 1 66 ? -1.620  -2.995  -2.021  1.00 17.09 ? 102 PHE A CZ  1 
ATOM   515 N  N   . SER A 1 67 ? -6.335  0.093   -3.704  1.00 8.41  ? 103 SER A N   1 
ATOM   516 C  CA  . SER A 1 67 ? -6.721  -0.440  -5.011  1.00 10.74 ? 103 SER A CA  1 
ATOM   517 C  C   . SER A 1 67 ? -6.453  0.570   -6.117  1.00 11.93 ? 103 SER A C   1 
ATOM   518 O  O   . SER A 1 67 ? -6.030  0.191   -7.232  1.00 13.49 ? 103 SER A O   1 
ATOM   519 C  CB  . SER A 1 67 ? -8.212  -0.815  -5.039  1.00 10.87 ? 103 SER A CB  1 
ATOM   520 O  OG  . SER A 1 67 ? -8.425  -1.863  -4.131  1.00 16.23 ? 103 SER A OG  1 
ATOM   521 N  N   . THR A 1 68 ? -6.714  1.835   -5.845  1.00 10.60 ? 104 THR A N   1 
ATOM   522 C  CA  . THR A 1 68 ? -6.458  2.874   -6.842  1.00 13.87 ? 104 THR A CA  1 
ATOM   523 C  C   . THR A 1 68 ? -4.968  2.978   -7.168  1.00 16.86 ? 104 THR A C   1 
ATOM   524 O  O   . THR A 1 68 ? -4.580  3.126   -8.323  1.00 15.40 ? 104 THR A O   1 
ATOM   525 C  CB  . THR A 1 68 ? -6.989  4.223   -6.325  1.00 16.74 ? 104 THR A CB  1 
ATOM   526 O  OG1 . THR A 1 68 ? -8.399  4.141   -6.242  1.00 20.92 ? 104 THR A OG1 1 
ATOM   527 C  CG2 . THR A 1 68 ? -6.615  5.366   -7.224  1.00 21.50 ? 104 THR A CG2 1 
ATOM   528 N  N   . LEU A 1 69 ? -4.140  2.900   -6.126  1.00 12.99 ? 105 LEU A N   1 
ATOM   529 C  CA  . LEU A 1 69 ? -2.698  2.984   -6.293  1.00 17.07 ? 105 LEU A CA  1 
ATOM   530 C  C   . LEU A 1 69 ? -2.219  1.920   -7.260  1.00 18.48 ? 105 LEU A C   1 
ATOM   531 O  O   . LEU A 1 69 ? -1.369  2.197   -8.093  1.00 23.46 ? 105 LEU A O   1 
ATOM   532 C  CB  . LEU A 1 69 ? -1.962  2.746   -4.957  1.00 18.75 ? 105 LEU A CB  1 
ATOM   533 C  CG  . LEU A 1 69 ? -1.577  3.878   -4.026  1.00 24.60 ? 105 LEU A CG  1 
ATOM   534 C  CD1 . LEU A 1 69 ? -0.740  3.315   -2.898  1.00 19.42 ? 105 LEU A CD1 1 
ATOM   535 C  CD2 . LEU A 1 69 ? -0.834  4.975   -4.794  1.00 20.51 ? 105 LEU A CD2 1 
ATOM   536 N  N   . VAL A 1 70 ? -2.737  0.698   -7.143  1.00 12.90 ? 106 VAL A N   1 
ATOM   537 C  CA  . VAL A 1 70 ? -2.285  -0.401  -7.987  1.00 16.81 ? 106 VAL A CA  1 
ATOM   538 C  C   . VAL A 1 70 ? -3.160  -0.686  -9.224  1.00 19.03 ? 106 VAL A C   1 
ATOM   539 O  O   . VAL A 1 70 ? -2.962  -1.721  -9.876  1.00 22.47 ? 106 VAL A O   1 
ATOM   540 C  CB  . VAL A 1 70 ? -2.134  -1.715  -7.148  1.00 18.86 ? 106 VAL A CB  1 
ATOM   541 C  CG1 . VAL A 1 70 ? -1.239  -1.474  -5.951  1.00 25.61 ? 106 VAL A CG1 1 
ATOM   542 C  CG2 . VAL A 1 70 ? -3.418  -2.168  -6.630  1.00 18.14 ? 106 VAL A CG2 1 
ATOM   543 N  N   . ALA A 1 71 ? -4.130  0.191   -9.540  1.00 17.38 ? 107 ALA A N   1 
ATOM   544 C  CA  . ALA A 1 71 ? -5.019  -0.016  -10.724 1.00 15.58 ? 107 ALA A CA  1 
ATOM   545 C  C   . ALA A 1 71 ? -4.101  0.086   -11.914 1.00 18.67 ? 107 ALA A C   1 
ATOM   546 O  O   . ALA A 1 71 ? -3.185  0.941   -11.915 1.00 18.55 ? 107 ALA A O   1 
ATOM   547 C  CB  . ALA A 1 71 ? -6.043  1.050   -10.826 1.00 13.70 ? 107 ALA A CB  1 
ATOM   548 N  N   . GLU A 1 72 ? -4.358  -0.753  -12.933 1.00 16.35 ? 108 GLU A N   1 
ATOM   549 C  CA  . GLU A 1 72 ? -3.523  -0.780  -14.158 1.00 16.22 ? 108 GLU A CA  1 
ATOM   550 C  C   . GLU A 1 72 ? -3.644  0.485   -14.998 1.00 14.75 ? 108 GLU A C   1 
ATOM   551 O  O   . GLU A 1 72 ? -4.775  0.938   -15.312 1.00 14.28 ? 108 GLU A O   1 
ATOM   552 C  CB  . GLU A 1 72 ? -3.905  -1.998  -14.978 1.00 16.22 ? 108 GLU A CB  1 
ATOM   553 C  CG  . GLU A 1 72 ? -3.197  -2.153  -16.309 1.00 18.44 ? 108 GLU A CG  1 
ATOM   554 C  CD  . GLU A 1 72 ? -3.553  -3.512  -16.906 1.00 20.91 ? 108 GLU A CD  1 
ATOM   555 O  OE1 . GLU A 1 72 ? -4.773  -3.745  -17.120 1.00 18.51 ? 108 GLU A OE1 1 
ATOM   556 O  OE2 . GLU A 1 72 ? -2.613  -4.329  -17.123 1.00 18.58 ? 108 GLU A OE2 1 
ATOM   557 N  N   . SER A 1 73 ? -2.484  1.083   -15.320 1.00 15.26 ? 109 SER A N   1 
ATOM   558 C  CA  A SER A 1 73 ? -2.424  2.300   -16.136 0.55 17.01 ? 109 SER A CA  1 
ATOM   559 C  CA  B SER A 1 73 ? -2.468  2.298   -16.133 0.45 16.28 ? 109 SER A CA  1 
ATOM   560 C  C   . SER A 1 73 ? -2.119  1.926   -17.571 1.00 17.17 ? 109 SER A C   1 
ATOM   561 O  O   . SER A 1 73 ? -2.243  2.839   -18.409 1.00 16.02 ? 109 SER A O   1 
ATOM   562 C  CB  A SER A 1 73 ? -1.330  3.240   -15.657 0.55 18.50 ? 109 SER A CB  1 
ATOM   563 C  CB  B SER A 1 73 ? -1.444  3.306   -15.606 0.45 16.89 ? 109 SER A CB  1 
ATOM   564 O  OG  A SER A 1 73 ? -1.717  3.830   -14.449 0.55 29.18 ? 109 SER A OG  1 
ATOM   565 O  OG  B SER A 1 73 ? -0.155  2.725   -15.555 0.45 20.81 ? 109 SER A OG  1 
ATOM   566 O  OXT . SER A 1 73 ? -1.735  0.736   -17.786 1.00 18.29 ? 109 SER A OXT 1 
HETATM 567 CA CA  . CA  B 2 .  ? -2.366  -1.144  9.772   1.00 8.74  ? 110 CA  A CA  1 
HETATM 568 CA CA  . CA  C 2 .  ? -7.073  7.771   3.415   1.00 9.16  ? 111 CA  A CA  1 
HETATM 569 S  S   . SO4 D 3 .  ? -10.500 3.947   1.609   1.00 16.01 ? 200 SO4 A S   1 
HETATM 570 O  O1  . SO4 D 3 .  ? -11.338 4.946   0.869   1.00 19.22 ? 200 SO4 A O1  1 
HETATM 571 O  O2  . SO4 D 3 .  ? -10.293 4.420   3.016   1.00 17.93 ? 200 SO4 A O2  1 
HETATM 572 O  O3  . SO4 D 3 .  ? -11.239 2.641   1.595   1.00 23.80 ? 200 SO4 A O3  1 
HETATM 573 O  O4  . SO4 D 3 .  ? -9.139  3.768   0.938   1.00 17.08 ? 200 SO4 A O4  1 
HETATM 574 O  O   . HOH E 4 .  ? 3.839   -3.462  6.106   1.00 11.80 ? 301 HOH A O   1 
HETATM 575 O  O   . HOH E 4 .  ? -14.095 -1.415  -0.205  1.00 23.74 ? 302 HOH A O   1 
HETATM 576 O  O   . HOH E 4 .  ? -6.330  -1.544  -18.075 1.00 12.36 ? 303 HOH A O   1 
HETATM 577 O  O   . HOH E 4 .  ? -14.169 -2.301  -3.978  1.00 16.28 ? 304 HOH A O   1 
HETATM 578 O  O   . HOH E 4 .  ? 6.122   10.465  10.806  1.00 18.63 ? 305 HOH A O   1 
HETATM 579 O  O   . HOH E 4 .  ? -3.789  12.641  -3.110  1.00 26.54 ? 306 HOH A O   1 
HETATM 580 O  O   . HOH E 4 .  ? 8.750   -1.894  -0.483  1.00 13.48 ? 307 HOH A O   1 
HETATM 581 O  O   . HOH E 4 .  ? -11.149 6.420   9.700   1.00 27.60 ? 308 HOH A O   1 
HETATM 582 O  O   . HOH E 4 .  ? -11.094 -0.734  10.573  1.00 31.48 ? 309 HOH A O   1 
HETATM 583 O  O   . HOH E 4 .  ? -2.904  13.225  1.010   1.00 19.13 ? 310 HOH A O   1 
HETATM 584 O  O   . HOH E 4 .  ? 6.967   2.309   6.412   1.00 17.61 ? 311 HOH A O   1 
HETATM 585 O  O   . HOH E 4 .  ? -8.590  6.059   4.260   1.00 17.44 ? 312 HOH A O   1 
HETATM 586 O  O   . HOH E 4 .  ? -6.276  2.945   11.668  1.00 15.87 ? 313 HOH A O   1 
HETATM 587 O  O   . HOH E 4 .  ? -8.682  0.318   13.060  1.00 23.10 ? 314 HOH A O   1 
HETATM 588 O  O   . HOH E 4 .  ? 1.860   -2.078  12.025  1.00 18.64 ? 315 HOH A O   1 
HETATM 589 O  O   . HOH E 4 .  ? -1.575  12.117  4.076   1.00 28.31 ? 316 HOH A O   1 
HETATM 590 O  O   . HOH E 4 .  ? -9.804  0.175   4.429   1.00 26.86 ? 317 HOH A O   1 
HETATM 591 O  O   . HOH E 4 .  ? -7.988  14.018  -2.968  1.00 27.35 ? 318 HOH A O   1 
HETATM 592 O  O   . HOH E 4 .  ? -11.940 -9.048  -9.539  1.00 20.76 ? 319 HOH A O   1 
HETATM 593 O  O   . HOH E 4 .  ? 10.195  10.749  -2.712  1.00 33.76 ? 320 HOH A O   1 
HETATM 594 O  O   . HOH E 4 .  ? -6.542  -2.369  -8.471  1.00 25.64 ? 321 HOH A O   1 
HETATM 595 O  O   . HOH E 4 .  ? -11.291 2.458   -5.549  1.00 32.15 ? 322 HOH A O   1 
HETATM 596 O  O   . HOH E 4 .  ? -10.639 7.863   -0.014  1.00 34.70 ? 323 HOH A O   1 
HETATM 597 O  O   . HOH E 4 .  ? -7.844  -1.556  15.336  1.00 34.83 ? 324 HOH A O   1 
HETATM 598 O  O   . HOH E 4 .  ? -13.802 3.885   0.695   1.00 19.73 ? 325 HOH A O   1 
HETATM 599 O  O   . HOH E 4 .  ? 7.228   -0.896  6.490   1.00 28.35 ? 326 HOH A O   1 
HETATM 600 O  O   . HOH E 4 .  ? -12.648 6.939   2.254   0.50 16.95 ? 327 HOH A O   1 
HETATM 601 O  O   . HOH E 4 .  ? 8.643   7.298   6.718   1.00 26.20 ? 328 HOH A O   1 
HETATM 602 O  O   . HOH E 4 .  ? -0.048  -9.036  8.192   1.00 29.21 ? 329 HOH A O   1 
HETATM 603 O  O   . HOH E 4 .  ? -10.503 -9.182  -12.205 1.00 33.32 ? 330 HOH A O   1 
HETATM 604 O  O   . HOH E 4 .  ? 1.040   -9.166  12.002  1.00 32.19 ? 331 HOH A O   1 
HETATM 605 O  O   . HOH E 4 .  ? 0.484   -0.854  -16.553 1.00 36.09 ? 332 HOH A O   1 
HETATM 606 O  O   . HOH E 4 .  ? -4.946  6.211   -3.752  1.00 16.11 ? 333 HOH A O   1 
HETATM 607 O  O   . HOH E 4 .  ? -0.186  -3.980  -16.023 1.00 35.32 ? 334 HOH A O   1 
HETATM 608 O  O   . HOH E 4 .  ? -2.136  -6.926  -14.318 1.00 34.96 ? 335 HOH A O   1 
HETATM 609 O  O   . HOH E 4 .  ? -0.428  -0.539  16.184  1.00 37.52 ? 336 HOH A O   1 
HETATM 610 O  O   . HOH E 4 .  ? -11.416 -11.223 -7.218  1.00 31.41 ? 337 HOH A O   1 
HETATM 611 O  O   . HOH E 4 .  ? 0.251   0.924   12.307  1.00 16.63 ? 338 HOH A O   1 
HETATM 612 O  O   . HOH E 4 .  ? -11.183 6.007   -1.840  1.00 33.79 ? 339 HOH A O   1 
HETATM 613 O  O   . HOH E 4 .  ? 7.275   7.804   -3.666  1.00 33.69 ? 340 HOH A O   1 
HETATM 614 O  O   . HOH E 4 .  ? 9.428   3.546   5.327   1.00 36.01 ? 341 HOH A O   1 
HETATM 615 O  O   . HOH E 4 .  ? -8.045  -12.207 -0.575  1.00 36.98 ? 342 HOH A O   1 
HETATM 616 O  O   . HOH E 4 .  ? -2.986  1.238   13.855  1.00 27.95 ? 343 HOH A O   1 
HETATM 617 O  O   . HOH E 4 .  ? -2.206  -3.624  -11.911 1.00 36.88 ? 344 HOH A O   1 
HETATM 618 O  O   . HOH E 4 .  ? 9.334   13.018  1.694   1.00 35.88 ? 345 HOH A O   1 
HETATM 619 O  O   . HOH E 4 .  ? 7.037   -13.329 -3.284  1.00 36.86 ? 346 HOH A O   1 
HETATM 620 O  O   . HOH E 4 .  ? -6.435  -5.924  6.944   1.00 35.28 ? 347 HOH A O   1 
# 
loop_
_pdbx_poly_seq_scheme.asym_id 
_pdbx_poly_seq_scheme.entity_id 
_pdbx_poly_seq_scheme.seq_id 
_pdbx_poly_seq_scheme.mon_id 
_pdbx_poly_seq_scheme.ndb_seq_num 
_pdbx_poly_seq_scheme.pdb_seq_num 
_pdbx_poly_seq_scheme.auth_seq_num 
_pdbx_poly_seq_scheme.pdb_mon_id 
_pdbx_poly_seq_scheme.auth_mon_id 
_pdbx_poly_seq_scheme.pdb_strand_id 
_pdbx_poly_seq_scheme.pdb_ins_code 
_pdbx_poly_seq_scheme.hetero 
A 1 1  MET 1  37  37  MET MET A . n 
A 1 2  LYS 2  38  38  LYS LYS A . n 
A 1 3  SER 3  39  39  SER SER A . n 
A 1 4  ALA 4  40  40  ALA ALA A . n 
A 1 5  ASP 5  41  41  ASP ASP A . n 
A 1 6  ASP 6  42  42  ASP ASP A . n 
A 1 7  VAL 7  43  43  VAL VAL A . n 
A 1 8  LYS 8  44  44  LYS LYS A . n 
A 1 9  LYS 9  45  45  LYS LYS A . n 
A 1 10 VAL 10 46  46  VAL VAL A . n 
A 1 11 PHE 11 47  47  PHE PHE A . n 
A 1 12 HIS 12 48  48  HIS HIS A . n 
A 1 13 ILE 13 49  49  ILE ILE A . n 
A 1 14 LEU 14 50  50  LEU LEU A . n 
A 1 15 ASP 15 51  51  ASP ASP A . n 
A 1 16 LYS 16 52  52  LYS LYS A . n 
A 1 17 ASP 17 53  53  ASP ASP A . n 
A 1 18 LYS 18 54  54  LYS LYS A . n 
A 1 19 SER 19 55  55  SER SER A . n 
A 1 20 GLY 20 56  56  GLY GLY A . n 
A 1 21 PHE 21 57  57  PHE PHE A . n 
A 1 22 ILE 22 58  58  ILE ILE A . n 
A 1 23 GLU 23 59  59  GLU GLU A . n 
A 1 24 GLU 24 60  60  GLU GLU A . n 
A 1 25 ASP 25 61  61  ASP ASP A . n 
A 1 26 GLU 26 62  62  GLU GLU A . n 
A 1 27 LEU 27 63  63  LEU LEU A . n 
A 1 28 GLY 28 64  64  GLY GLY A . n 
A 1 29 SER 29 65  65  SER SER A . n 
A 1 30 ILE 30 66  66  ILE ILE A . n 
A 1 31 LEU 31 67  67  LEU LEU A . n 
A 1 32 LYS 32 68  68  LYS LYS A . n 
A 1 33 GLY 33 69  69  GLY GLY A . n 
A 1 34 PHE 34 70  70  PHE PHE A . n 
A 1 35 SER 35 71  71  SER SER A . n 
A 1 36 SER 36 72  72  SER SER A . n 
A 1 37 ASP 37 73  73  ASP ASP A . n 
A 1 38 ALA 38 74  74  ALA ALA A . n 
A 1 39 ARG 39 75  75  ARG ARG A . n 
A 1 40 ASP 40 76  76  ASP ASP A . n 
A 1 41 LEU 41 77  77  LEU LEU A . n 
A 1 42 SER 42 78  78  SER SER A . n 
A 1 43 ALA 43 79  79  ALA ALA A . n 
A 1 44 LYS 44 80  80  LYS LYS A . n 
A 1 45 GLU 45 81  81  GLU GLU A . n 
A 1 46 THR 46 82  82  THR THR A . n 
A 1 47 LYS 47 83  83  LYS LYS A . n 
A 1 48 THR 48 84  84  THR THR A . n 
A 1 49 LEU 49 85  85  LEU LEU A . n 
A 1 50 MET 50 86  86  MET MET A . n 
A 1 51 ALA 51 87  87  ALA ALA A . n 
A 1 52 ALA 52 88  88  ALA ALA A . n 
A 1 53 GLY 53 89  89  GLY GLY A . n 
A 1 54 ASP 54 90  90  ASP ASP A . n 
A 1 55 LYS 55 91  91  LYS LYS A . n 
A 1 56 ASP 56 92  92  ASP ASP A . n 
A 1 57 GLY 57 93  93  GLY GLY A . n 
A 1 58 ASP 58 94  94  ASP ASP A . n 
A 1 59 GLY 59 95  95  GLY GLY A . n 
A 1 60 LYS 60 96  96  LYS LYS A . n 
A 1 61 ILE 61 97  97  ILE ILE A . n 
A 1 62 GLY 62 98  98  GLY GLY A . n 
A 1 63 VAL 63 99  99  VAL VAL A . n 
A 1 64 GLU 64 100 100 GLU GLU A . n 
A 1 65 GLU 65 101 101 GLU GLU A . n 
A 1 66 PHE 66 102 102 PHE PHE A . n 
A 1 67 SER 67 103 103 SER SER A . n 
A 1 68 THR 68 104 104 THR THR A . n 
A 1 69 LEU 69 105 105 LEU LEU A . n 
A 1 70 VAL 70 106 106 VAL VAL A . n 
A 1 71 ALA 71 107 107 ALA ALA A . n 
A 1 72 GLU 72 108 108 GLU GLU A . n 
A 1 73 SER 73 109 109 SER SER A . n 
# 
loop_
_pdbx_nonpoly_scheme.asym_id 
_pdbx_nonpoly_scheme.entity_id 
_pdbx_nonpoly_scheme.mon_id 
_pdbx_nonpoly_scheme.ndb_seq_num 
_pdbx_nonpoly_scheme.pdb_seq_num 
_pdbx_nonpoly_scheme.auth_seq_num 
_pdbx_nonpoly_scheme.pdb_mon_id 
_pdbx_nonpoly_scheme.auth_mon_id 
_pdbx_nonpoly_scheme.pdb_strand_id 
_pdbx_nonpoly_scheme.pdb_ins_code 
B 2 CA  1  110 110 CA  CA  A . 
C 2 CA  1  111 111 CA  CA  A . 
D 3 SO4 1  200 200 SO4 SO4 A . 
E 4 HOH 1  301 301 HOH HOH A . 
E 4 HOH 2  302 302 HOH HOH A . 
E 4 HOH 3  303 303 HOH HOH A . 
E 4 HOH 4  304 304 HOH HOH A . 
E 4 HOH 5  305 305 HOH HOH A . 
E 4 HOH 6  306 306 HOH HOH A . 
E 4 HOH 7  307 307 HOH HOH A . 
E 4 HOH 8  308 308 HOH HOH A . 
E 4 HOH 9  309 309 HOH HOH A . 
E 4 HOH 10 310 310 HOH HOH A . 
E 4 HOH 11 311 311 HOH HOH A . 
E 4 HOH 12 312 312 HOH HOH A . 
E 4 HOH 13 313 313 HOH HOH A . 
E 4 HOH 14 314 314 HOH HOH A . 
E 4 HOH 15 315 315 HOH HOH A . 
E 4 HOH 16 316 316 HOH HOH A . 
E 4 HOH 17 317 317 HOH HOH A . 
E 4 HOH 18 318 318 HOH HOH A . 
E 4 HOH 19 319 319 HOH HOH A . 
E 4 HOH 20 320 320 HOH HOH A . 
E 4 HOH 21 321 321 HOH HOH A . 
E 4 HOH 22 322 322 HOH HOH A . 
E 4 HOH 23 323 323 HOH HOH A . 
E 4 HOH 24 324 324 HOH HOH A . 
E 4 HOH 25 325 325 HOH HOH A . 
E 4 HOH 26 326 326 HOH HOH A . 
E 4 HOH 27 327 327 HOH HOH A . 
E 4 HOH 28 328 328 HOH HOH A . 
E 4 HOH 29 329 329 HOH HOH A . 
E 4 HOH 30 330 330 HOH HOH A . 
E 4 HOH 31 331 331 HOH HOH A . 
E 4 HOH 32 332 332 HOH HOH A . 
E 4 HOH 33 333 333 HOH HOH A . 
E 4 HOH 34 334 334 HOH HOH A . 
E 4 HOH 35 335 335 HOH HOH A . 
E 4 HOH 36 336 336 HOH HOH A . 
E 4 HOH 37 337 337 HOH HOH A . 
E 4 HOH 38 338 338 HOH HOH A . 
E 4 HOH 39 339 339 HOH HOH A . 
E 4 HOH 40 340 340 HOH HOH A . 
E 4 HOH 41 341 341 HOH HOH A . 
E 4 HOH 42 342 342 HOH HOH A . 
E 4 HOH 43 343 343 HOH HOH A . 
E 4 HOH 44 344 344 HOH HOH A . 
E 4 HOH 45 345 345 HOH HOH A . 
E 4 HOH 46 346 346 HOH HOH A . 
E 4 HOH 47 347 347 HOH HOH A . 
# 
_pdbx_struct_assembly.id                   1 
_pdbx_struct_assembly.details              author_defined_assembly 
_pdbx_struct_assembly.method_details       ? 
_pdbx_struct_assembly.oligomeric_details   monomeric 
_pdbx_struct_assembly.oligomeric_count     1 
# 
_pdbx_struct_assembly_gen.assembly_id       1 
_pdbx_struct_assembly_gen.oper_expression   1 
_pdbx_struct_assembly_gen.asym_id_list      A,B,C,D,E 
# 
_pdbx_struct_oper_list.id                   1 
_pdbx_struct_oper_list.type                 'identity operation' 
_pdbx_struct_oper_list.name                 1_555 
_pdbx_struct_oper_list.symmetry_operation   x,y,z 
_pdbx_struct_oper_list.matrix[1][1]         1.0000000000 
_pdbx_struct_oper_list.matrix[1][2]         0.0000000000 
_pdbx_struct_oper_list.matrix[1][3]         0.0000000000 
_pdbx_struct_oper_list.vector[1]            0.0000000000 
_pdbx_struct_oper_list.matrix[2][1]         0.0000000000 
_pdbx_struct_oper_list.matrix[2][2]         1.0000000000 
_pdbx_struct_oper_list.matrix[2][3]         0.0000000000 
_pdbx_struct_oper_list.vector[2]            0.0000000000 
_pdbx_struct_oper_list.matrix[3][1]         0.0000000000 
_pdbx_struct_oper_list.matrix[3][2]         0.0000000000 
_pdbx_struct_oper_list.matrix[3][3]         1.0000000000 
_pdbx_struct_oper_list.vector[3]            0.0000000000 
# 
_pdbx_struct_special_symmetry.id              1 
_pdbx_struct_special_symmetry.PDB_model_num   1 
_pdbx_struct_special_symmetry.auth_asym_id    A 
_pdbx_struct_special_symmetry.auth_comp_id    HOH 
_pdbx_struct_special_symmetry.auth_seq_id     327 
_pdbx_struct_special_symmetry.PDB_ins_code    ? 
_pdbx_struct_special_symmetry.label_asym_id   E 
_pdbx_struct_special_symmetry.label_comp_id   HOH 
_pdbx_struct_special_symmetry.label_seq_id    . 
# 
loop_
_pdbx_struct_conn_angle.id 
_pdbx_struct_conn_angle.ptnr1_label_atom_id 
_pdbx_struct_conn_angle.ptnr1_label_alt_id 
_pdbx_struct_conn_angle.ptnr1_label_asym_id 
_pdbx_struct_conn_angle.ptnr1_label_comp_id 
_pdbx_struct_conn_angle.ptnr1_label_seq_id 
_pdbx_struct_conn_angle.ptnr1_auth_atom_id 
_pdbx_struct_conn_angle.ptnr1_auth_asym_id 
_pdbx_struct_conn_angle.ptnr1_auth_comp_id 
_pdbx_struct_conn_angle.ptnr1_auth_seq_id 
_pdbx_struct_conn_angle.ptnr1_PDB_ins_code 
_pdbx_struct_conn_angle.ptnr1_symmetry 
_pdbx_struct_conn_angle.ptnr2_label_atom_id 
_pdbx_struct_conn_angle.ptnr2_label_alt_id 
_pdbx_struct_conn_angle.ptnr2_label_asym_id 
_pdbx_struct_conn_angle.ptnr2_label_comp_id 
_pdbx_struct_conn_angle.ptnr2_label_seq_id 
_pdbx_struct_conn_angle.ptnr2_auth_atom_id 
_pdbx_struct_conn_angle.ptnr2_auth_asym_id 
_pdbx_struct_conn_angle.ptnr2_auth_comp_id 
_pdbx_struct_conn_angle.ptnr2_auth_seq_id 
_pdbx_struct_conn_angle.ptnr2_PDB_ins_code 
_pdbx_struct_conn_angle.ptnr2_symmetry 
_pdbx_struct_conn_angle.ptnr3_label_atom_id 
_pdbx_struct_conn_angle.ptnr3_label_alt_id 
_pdbx_struct_conn_angle.ptnr3_label_asym_id 
_pdbx_struct_conn_angle.ptnr3_label_comp_id 
_pdbx_struct_conn_angle.ptnr3_label_seq_id 
_pdbx_struct_conn_angle.ptnr3_auth_atom_id 
_pdbx_struct_conn_angle.ptnr3_auth_asym_id 
_pdbx_struct_conn_angle.ptnr3_auth_comp_id 
_pdbx_struct_conn_angle.ptnr3_auth_seq_id 
_pdbx_struct_conn_angle.ptnr3_PDB_ins_code 
_pdbx_struct_conn_angle.ptnr3_symmetry 
_pdbx_struct_conn_angle.value 
_pdbx_struct_conn_angle.value_esd 
1  OD1 ? A ASP 15 ? A ASP 51  ? 1_555 CA ? B CA . ? A CA 110 ? 1_555 OD1 ? A ASP 17 ? A ASP 53  ? 1_555 82.6  ? 
2  OD1 ? A ASP 15 ? A ASP 51  ? 1_555 CA ? B CA . ? A CA 110 ? 1_555 OG  ? A SER 19 ? A SER 55  ? 1_555 88.5  ? 
3  OD1 ? A ASP 17 ? A ASP 53  ? 1_555 CA ? B CA . ? A CA 110 ? 1_555 OG  ? A SER 19 ? A SER 55  ? 1_555 80.0  ? 
4  OD1 ? A ASP 15 ? A ASP 51  ? 1_555 CA ? B CA . ? A CA 110 ? 1_555 O   ? A PHE 21 ? A PHE 57  ? 1_555 84.4  ? 
5  OD1 ? A ASP 17 ? A ASP 53  ? 1_555 CA ? B CA . ? A CA 110 ? 1_555 O   ? A PHE 21 ? A PHE 57  ? 1_555 150.8 ? 
6  OG  ? A SER 19 ? A SER 55  ? 1_555 CA ? B CA . ? A CA 110 ? 1_555 O   ? A PHE 21 ? A PHE 57  ? 1_555 73.6  ? 
7  OD1 ? A ASP 15 ? A ASP 51  ? 1_555 CA ? B CA . ? A CA 110 ? 1_555 OE1 ? A GLU 23 ? A GLU 59  ? 1_555 170.3 ? 
8  OD1 ? A ASP 17 ? A ASP 53  ? 1_555 CA ? B CA . ? A CA 110 ? 1_555 OE1 ? A GLU 23 ? A GLU 59  ? 1_555 102.2 ? 
9  OG  ? A SER 19 ? A SER 55  ? 1_555 CA ? B CA . ? A CA 110 ? 1_555 OE1 ? A GLU 23 ? A GLU 59  ? 1_555 84.1  ? 
10 O   ? A PHE 21 ? A PHE 57  ? 1_555 CA ? B CA . ? A CA 110 ? 1_555 OE1 ? A GLU 23 ? A GLU 59  ? 1_555 87.5  ? 
11 OD1 ? A ASP 15 ? A ASP 51  ? 1_555 CA ? B CA . ? A CA 110 ? 1_555 OE1 ? A GLU 26 ? A GLU 62  ? 1_555 104.5 ? 
12 OD1 ? A ASP 17 ? A ASP 53  ? 1_555 CA ? B CA . ? A CA 110 ? 1_555 OE1 ? A GLU 26 ? A GLU 62  ? 1_555 126.3 ? 
13 OG  ? A SER 19 ? A SER 55  ? 1_555 CA ? B CA . ? A CA 110 ? 1_555 OE1 ? A GLU 26 ? A GLU 62  ? 1_555 151.4 ? 
14 O   ? A PHE 21 ? A PHE 57  ? 1_555 CA ? B CA . ? A CA 110 ? 1_555 OE1 ? A GLU 26 ? A GLU 62  ? 1_555 82.3  ? 
15 OE1 ? A GLU 23 ? A GLU 59  ? 1_555 CA ? B CA . ? A CA 110 ? 1_555 OE1 ? A GLU 26 ? A GLU 62  ? 1_555 79.6  ? 
16 OD1 ? A ASP 15 ? A ASP 51  ? 1_555 CA ? B CA . ? A CA 110 ? 1_555 OE2 ? A GLU 26 ? A GLU 62  ? 1_555 99.0  ? 
17 OD1 ? A ASP 17 ? A ASP 53  ? 1_555 CA ? B CA . ? A CA 110 ? 1_555 OE2 ? A GLU 26 ? A GLU 62  ? 1_555 74.1  ? 
18 OG  ? A SER 19 ? A SER 55  ? 1_555 CA ? B CA . ? A CA 110 ? 1_555 OE2 ? A GLU 26 ? A GLU 62  ? 1_555 151.8 ? 
19 O   ? A PHE 21 ? A PHE 57  ? 1_555 CA ? B CA . ? A CA 110 ? 1_555 OE2 ? A GLU 26 ? A GLU 62  ? 1_555 133.9 ? 
20 OE1 ? A GLU 23 ? A GLU 59  ? 1_555 CA ? B CA . ? A CA 110 ? 1_555 OE2 ? A GLU 26 ? A GLU 62  ? 1_555 90.4  ? 
21 OE1 ? A GLU 26 ? A GLU 62  ? 1_555 CA ? B CA . ? A CA 110 ? 1_555 OE2 ? A GLU 26 ? A GLU 62  ? 1_555 52.2  ? 
22 OD1 ? A ASP 54 ? A ASP 90  ? 1_555 CA ? C CA . ? A CA 111 ? 1_555 OD1 ? A ASP 56 ? A ASP 92  ? 1_555 83.4  ? 
23 OD1 ? A ASP 54 ? A ASP 90  ? 1_555 CA ? C CA . ? A CA 111 ? 1_555 OD1 ? A ASP 58 ? A ASP 94  ? 1_555 87.3  ? 
24 OD1 ? A ASP 56 ? A ASP 92  ? 1_555 CA ? C CA . ? A CA 111 ? 1_555 OD1 ? A ASP 58 ? A ASP 94  ? 1_555 79.5  ? 
25 OD1 ? A ASP 54 ? A ASP 90  ? 1_555 CA ? C CA . ? A CA 111 ? 1_555 O   ? A LYS 60 ? A LYS 96  ? 1_555 83.5  ? 
26 OD1 ? A ASP 56 ? A ASP 92  ? 1_555 CA ? C CA . ? A CA 111 ? 1_555 O   ? A LYS 60 ? A LYS 96  ? 1_555 154.2 ? 
27 OD1 ? A ASP 58 ? A ASP 94  ? 1_555 CA ? C CA . ? A CA 111 ? 1_555 O   ? A LYS 60 ? A LYS 96  ? 1_555 77.7  ? 
28 OD1 ? A ASP 54 ? A ASP 90  ? 1_555 CA ? C CA . ? A CA 111 ? 1_555 OE1 ? A GLU 65 ? A GLU 101 ? 1_555 109.0 ? 
29 OD1 ? A ASP 56 ? A ASP 92  ? 1_555 CA ? C CA . ? A CA 111 ? 1_555 OE1 ? A GLU 65 ? A GLU 101 ? 1_555 126.0 ? 
30 OD1 ? A ASP 58 ? A ASP 94  ? 1_555 CA ? C CA . ? A CA 111 ? 1_555 OE1 ? A GLU 65 ? A GLU 101 ? 1_555 150.1 ? 
31 O   ? A LYS 60 ? A LYS 96  ? 1_555 CA ? C CA . ? A CA 111 ? 1_555 OE1 ? A GLU 65 ? A GLU 101 ? 1_555 79.5  ? 
32 OD1 ? A ASP 54 ? A ASP 90  ? 1_555 CA ? C CA . ? A CA 111 ? 1_555 OE2 ? A GLU 65 ? A GLU 101 ? 1_555 91.9  ? 
33 OD1 ? A ASP 56 ? A ASP 92  ? 1_555 CA ? C CA . ? A CA 111 ? 1_555 OE2 ? A GLU 65 ? A GLU 101 ? 1_555 75.6  ? 
34 OD1 ? A ASP 58 ? A ASP 94  ? 1_555 CA ? C CA . ? A CA 111 ? 1_555 OE2 ? A GLU 65 ? A GLU 101 ? 1_555 155.1 ? 
35 O   ? A LYS 60 ? A LYS 96  ? 1_555 CA ? C CA . ? A CA 111 ? 1_555 OE2 ? A GLU 65 ? A GLU 101 ? 1_555 127.0 ? 
36 OE1 ? A GLU 65 ? A GLU 101 ? 1_555 CA ? C CA . ? A CA 111 ? 1_555 OE2 ? A GLU 65 ? A GLU 101 ? 1_555 52.3  ? 
37 OD1 ? A ASP 54 ? A ASP 90  ? 1_555 CA ? C CA . ? A CA 111 ? 1_555 O   ? E HOH .  ? A HOH 312 ? 1_555 168.6 ? 
38 OD1 ? A ASP 56 ? A ASP 92  ? 1_555 CA ? C CA . ? A CA 111 ? 1_555 O   ? E HOH .  ? A HOH 312 ? 1_555 92.7  ? 
39 OD1 ? A ASP 58 ? A ASP 94  ? 1_555 CA ? C CA . ? A CA 111 ? 1_555 O   ? E HOH .  ? A HOH 312 ? 1_555 81.4  ? 
40 O   ? A LYS 60 ? A LYS 96  ? 1_555 CA ? C CA . ? A CA 111 ? 1_555 O   ? E HOH .  ? A HOH 312 ? 1_555 95.8  ? 
41 OE1 ? A GLU 65 ? A GLU 101 ? 1_555 CA ? C CA . ? A CA 111 ? 1_555 O   ? E HOH .  ? A HOH 312 ? 1_555 82.0  ? 
42 OE2 ? A GLU 65 ? A GLU 101 ? 1_555 CA ? C CA . ? A CA 111 ? 1_555 O   ? E HOH .  ? A HOH 312 ? 1_555 97.5  ? 
# 
loop_
_pdbx_audit_revision_history.ordinal 
_pdbx_audit_revision_history.data_content_type 
_pdbx_audit_revision_history.major_revision 
_pdbx_audit_revision_history.minor_revision 
_pdbx_audit_revision_history.revision_date 
1 'Structure model' 1 0 2001-10-03 
2 'Structure model' 1 1 2008-04-27 
3 'Structure model' 1 2 2011-07-13 
4 'Structure model' 1 3 2021-11-03 
5 'Structure model' 1 4 2023-08-09 
# 
_pdbx_audit_revision_details.ordinal             1 
_pdbx_audit_revision_details.revision_ordinal    1 
_pdbx_audit_revision_details.data_content_type   'Structure model' 
_pdbx_audit_revision_details.provider            repository 
_pdbx_audit_revision_details.type                'Initial release' 
_pdbx_audit_revision_details.description         ? 
_pdbx_audit_revision_details.details             ? 
# 
loop_
_pdbx_audit_revision_group.ordinal 
_pdbx_audit_revision_group.revision_ordinal 
_pdbx_audit_revision_group.data_content_type 
_pdbx_audit_revision_group.group 
1 2 'Structure model' 'Version format compliance' 
2 3 'Structure model' 'Version format compliance' 
3 4 'Structure model' 'Database references'       
4 4 'Structure model' 'Derived calculations'      
5 5 'Structure model' 'Data collection'           
6 5 'Structure model' 'Refinement description'    
# 
loop_
_pdbx_audit_revision_category.ordinal 
_pdbx_audit_revision_category.revision_ordinal 
_pdbx_audit_revision_category.data_content_type 
_pdbx_audit_revision_category.category 
1 4 'Structure model' database_2                    
2 4 'Structure model' pdbx_struct_conn_angle        
3 4 'Structure model' struct_conn                   
4 4 'Structure model' struct_ref_seq_dif            
5 4 'Structure model' struct_site                   
6 5 'Structure model' chem_comp_atom                
7 5 'Structure model' chem_comp_bond                
8 5 'Structure model' pdbx_initial_refinement_model 
# 
loop_
_pdbx_audit_revision_item.ordinal 
_pdbx_audit_revision_item.revision_ordinal 
_pdbx_audit_revision_item.data_content_type 
_pdbx_audit_revision_item.item 
1  4 'Structure model' '_database_2.pdbx_DOI'                        
2  4 'Structure model' '_database_2.pdbx_database_accession'         
3  4 'Structure model' '_pdbx_struct_conn_angle.ptnr1_auth_comp_id'  
4  4 'Structure model' '_pdbx_struct_conn_angle.ptnr1_auth_seq_id'   
5  4 'Structure model' '_pdbx_struct_conn_angle.ptnr1_label_asym_id' 
6  4 'Structure model' '_pdbx_struct_conn_angle.ptnr1_label_atom_id' 
7  4 'Structure model' '_pdbx_struct_conn_angle.ptnr1_label_comp_id' 
8  4 'Structure model' '_pdbx_struct_conn_angle.ptnr1_label_seq_id'  
9  4 'Structure model' '_pdbx_struct_conn_angle.ptnr3_auth_comp_id'  
10 4 'Structure model' '_pdbx_struct_conn_angle.ptnr3_auth_seq_id'   
11 4 'Structure model' '_pdbx_struct_conn_angle.ptnr3_label_asym_id' 
12 4 'Structure model' '_pdbx_struct_conn_angle.ptnr3_label_atom_id' 
13 4 'Structure model' '_pdbx_struct_conn_angle.ptnr3_label_comp_id' 
14 4 'Structure model' '_pdbx_struct_conn_angle.ptnr3_label_seq_id'  
15 4 'Structure model' '_pdbx_struct_conn_angle.value'               
16 4 'Structure model' '_struct_conn.pdbx_dist_value'                
17 4 'Structure model' '_struct_conn.ptnr1_auth_comp_id'             
18 4 'Structure model' '_struct_conn.ptnr1_auth_seq_id'              
19 4 'Structure model' '_struct_conn.ptnr1_label_asym_id'            
20 4 'Structure model' '_struct_conn.ptnr1_label_atom_id'            
21 4 'Structure model' '_struct_conn.ptnr1_label_comp_id'            
22 4 'Structure model' '_struct_conn.ptnr1_label_seq_id'             
23 4 'Structure model' '_struct_conn.ptnr2_auth_comp_id'             
24 4 'Structure model' '_struct_conn.ptnr2_auth_seq_id'              
25 4 'Structure model' '_struct_conn.ptnr2_label_asym_id'            
26 4 'Structure model' '_struct_conn.ptnr2_label_atom_id'            
27 4 'Structure model' '_struct_conn.ptnr2_label_comp_id'            
28 4 'Structure model' '_struct_conn.ptnr2_label_seq_id'             
29 4 'Structure model' '_struct_ref_seq_dif.details'                 
30 4 'Structure model' '_struct_site.pdbx_auth_asym_id'              
31 4 'Structure model' '_struct_site.pdbx_auth_comp_id'              
32 4 'Structure model' '_struct_site.pdbx_auth_seq_id'               
# 
loop_
_software.name 
_software.classification 
_software.version 
_software.citation_id 
_software.pdbx_ordinal 
AMoRE     phasing          .     ? 1 
X-PLOR    refinement       3.851 ? 2 
DENZO     'data reduction' .     ? 3 
SCALEPACK 'data scaling'   .     ? 4 
# 
loop_
_chem_comp_atom.comp_id 
_chem_comp_atom.atom_id 
_chem_comp_atom.type_symbol 
_chem_comp_atom.pdbx_aromatic_flag 
_chem_comp_atom.pdbx_stereo_config 
_chem_comp_atom.pdbx_ordinal 
ALA N    N  N N 1   
ALA CA   C  N S 2   
ALA C    C  N N 3   
ALA O    O  N N 4   
ALA CB   C  N N 5   
ALA OXT  O  N N 6   
ALA H    H  N N 7   
ALA H2   H  N N 8   
ALA HA   H  N N 9   
ALA HB1  H  N N 10  
ALA HB2  H  N N 11  
ALA HB3  H  N N 12  
ALA HXT  H  N N 13  
ARG N    N  N N 14  
ARG CA   C  N S 15  
ARG C    C  N N 16  
ARG O    O  N N 17  
ARG CB   C  N N 18  
ARG CG   C  N N 19  
ARG CD   C  N N 20  
ARG NE   N  N N 21  
ARG CZ   C  N N 22  
ARG NH1  N  N N 23  
ARG NH2  N  N N 24  
ARG OXT  O  N N 25  
ARG H    H  N N 26  
ARG H2   H  N N 27  
ARG HA   H  N N 28  
ARG HB2  H  N N 29  
ARG HB3  H  N N 30  
ARG HG2  H  N N 31  
ARG HG3  H  N N 32  
ARG HD2  H  N N 33  
ARG HD3  H  N N 34  
ARG HE   H  N N 35  
ARG HH11 H  N N 36  
ARG HH12 H  N N 37  
ARG HH21 H  N N 38  
ARG HH22 H  N N 39  
ARG HXT  H  N N 40  
ASP N    N  N N 41  
ASP CA   C  N S 42  
ASP C    C  N N 43  
ASP O    O  N N 44  
ASP CB   C  N N 45  
ASP CG   C  N N 46  
ASP OD1  O  N N 47  
ASP OD2  O  N N 48  
ASP OXT  O  N N 49  
ASP H    H  N N 50  
ASP H2   H  N N 51  
ASP HA   H  N N 52  
ASP HB2  H  N N 53  
ASP HB3  H  N N 54  
ASP HD2  H  N N 55  
ASP HXT  H  N N 56  
CA  CA   CA N N 57  
GLU N    N  N N 58  
GLU CA   C  N S 59  
GLU C    C  N N 60  
GLU O    O  N N 61  
GLU CB   C  N N 62  
GLU CG   C  N N 63  
GLU CD   C  N N 64  
GLU OE1  O  N N 65  
GLU OE2  O  N N 66  
GLU OXT  O  N N 67  
GLU H    H  N N 68  
GLU H2   H  N N 69  
GLU HA   H  N N 70  
GLU HB2  H  N N 71  
GLU HB3  H  N N 72  
GLU HG2  H  N N 73  
GLU HG3  H  N N 74  
GLU HE2  H  N N 75  
GLU HXT  H  N N 76  
GLY N    N  N N 77  
GLY CA   C  N N 78  
GLY C    C  N N 79  
GLY O    O  N N 80  
GLY OXT  O  N N 81  
GLY H    H  N N 82  
GLY H2   H  N N 83  
GLY HA2  H  N N 84  
GLY HA3  H  N N 85  
GLY HXT  H  N N 86  
HIS N    N  N N 87  
HIS CA   C  N S 88  
HIS C    C  N N 89  
HIS O    O  N N 90  
HIS CB   C  N N 91  
HIS CG   C  Y N 92  
HIS ND1  N  Y N 93  
HIS CD2  C  Y N 94  
HIS CE1  C  Y N 95  
HIS NE2  N  Y N 96  
HIS OXT  O  N N 97  
HIS H    H  N N 98  
HIS H2   H  N N 99  
HIS HA   H  N N 100 
HIS HB2  H  N N 101 
HIS HB3  H  N N 102 
HIS HD1  H  N N 103 
HIS HD2  H  N N 104 
HIS HE1  H  N N 105 
HIS HE2  H  N N 106 
HIS HXT  H  N N 107 
HOH O    O  N N 108 
HOH H1   H  N N 109 
HOH H2   H  N N 110 
ILE N    N  N N 111 
ILE CA   C  N S 112 
ILE C    C  N N 113 
ILE O    O  N N 114 
ILE CB   C  N S 115 
ILE CG1  C  N N 116 
ILE CG2  C  N N 117 
ILE CD1  C  N N 118 
ILE OXT  O  N N 119 
ILE H    H  N N 120 
ILE H2   H  N N 121 
ILE HA   H  N N 122 
ILE HB   H  N N 123 
ILE HG12 H  N N 124 
ILE HG13 H  N N 125 
ILE HG21 H  N N 126 
ILE HG22 H  N N 127 
ILE HG23 H  N N 128 
ILE HD11 H  N N 129 
ILE HD12 H  N N 130 
ILE HD13 H  N N 131 
ILE HXT  H  N N 132 
LEU N    N  N N 133 
LEU CA   C  N S 134 
LEU C    C  N N 135 
LEU O    O  N N 136 
LEU CB   C  N N 137 
LEU CG   C  N N 138 
LEU CD1  C  N N 139 
LEU CD2  C  N N 140 
LEU OXT  O  N N 141 
LEU H    H  N N 142 
LEU H2   H  N N 143 
LEU HA   H  N N 144 
LEU HB2  H  N N 145 
LEU HB3  H  N N 146 
LEU HG   H  N N 147 
LEU HD11 H  N N 148 
LEU HD12 H  N N 149 
LEU HD13 H  N N 150 
LEU HD21 H  N N 151 
LEU HD22 H  N N 152 
LEU HD23 H  N N 153 
LEU HXT  H  N N 154 
LYS N    N  N N 155 
LYS CA   C  N S 156 
LYS C    C  N N 157 
LYS O    O  N N 158 
LYS CB   C  N N 159 
LYS CG   C  N N 160 
LYS CD   C  N N 161 
LYS CE   C  N N 162 
LYS NZ   N  N N 163 
LYS OXT  O  N N 164 
LYS H    H  N N 165 
LYS H2   H  N N 166 
LYS HA   H  N N 167 
LYS HB2  H  N N 168 
LYS HB3  H  N N 169 
LYS HG2  H  N N 170 
LYS HG3  H  N N 171 
LYS HD2  H  N N 172 
LYS HD3  H  N N 173 
LYS HE2  H  N N 174 
LYS HE3  H  N N 175 
LYS HZ1  H  N N 176 
LYS HZ2  H  N N 177 
LYS HZ3  H  N N 178 
LYS HXT  H  N N 179 
MET N    N  N N 180 
MET CA   C  N S 181 
MET C    C  N N 182 
MET O    O  N N 183 
MET CB   C  N N 184 
MET CG   C  N N 185 
MET SD   S  N N 186 
MET CE   C  N N 187 
MET OXT  O  N N 188 
MET H    H  N N 189 
MET H2   H  N N 190 
MET HA   H  N N 191 
MET HB2  H  N N 192 
MET HB3  H  N N 193 
MET HG2  H  N N 194 
MET HG3  H  N N 195 
MET HE1  H  N N 196 
MET HE2  H  N N 197 
MET HE3  H  N N 198 
MET HXT  H  N N 199 
PHE N    N  N N 200 
PHE CA   C  N S 201 
PHE C    C  N N 202 
PHE O    O  N N 203 
PHE CB   C  N N 204 
PHE CG   C  Y N 205 
PHE CD1  C  Y N 206 
PHE CD2  C  Y N 207 
PHE CE1  C  Y N 208 
PHE CE2  C  Y N 209 
PHE CZ   C  Y N 210 
PHE OXT  O  N N 211 
PHE H    H  N N 212 
PHE H2   H  N N 213 
PHE HA   H  N N 214 
PHE HB2  H  N N 215 
PHE HB3  H  N N 216 
PHE HD1  H  N N 217 
PHE HD2  H  N N 218 
PHE HE1  H  N N 219 
PHE HE2  H  N N 220 
PHE HZ   H  N N 221 
PHE HXT  H  N N 222 
SER N    N  N N 223 
SER CA   C  N S 224 
SER C    C  N N 225 
SER O    O  N N 226 
SER CB   C  N N 227 
SER OG   O  N N 228 
SER OXT  O  N N 229 
SER H    H  N N 230 
SER H2   H  N N 231 
SER HA   H  N N 232 
SER HB2  H  N N 233 
SER HB3  H  N N 234 
SER HG   H  N N 235 
SER HXT  H  N N 236 
SO4 S    S  N N 237 
SO4 O1   O  N N 238 
SO4 O2   O  N N 239 
SO4 O3   O  N N 240 
SO4 O4   O  N N 241 
THR N    N  N N 242 
THR CA   C  N S 243 
THR C    C  N N 244 
THR O    O  N N 245 
THR CB   C  N R 246 
THR OG1  O  N N 247 
THR CG2  C  N N 248 
THR OXT  O  N N 249 
THR H    H  N N 250 
THR H2   H  N N 251 
THR HA   H  N N 252 
THR HB   H  N N 253 
THR HG1  H  N N 254 
THR HG21 H  N N 255 
THR HG22 H  N N 256 
THR HG23 H  N N 257 
THR HXT  H  N N 258 
VAL N    N  N N 259 
VAL CA   C  N S 260 
VAL C    C  N N 261 
VAL O    O  N N 262 
VAL CB   C  N N 263 
VAL CG1  C  N N 264 
VAL CG2  C  N N 265 
VAL OXT  O  N N 266 
VAL H    H  N N 267 
VAL H2   H  N N 268 
VAL HA   H  N N 269 
VAL HB   H  N N 270 
VAL HG11 H  N N 271 
VAL HG12 H  N N 272 
VAL HG13 H  N N 273 
VAL HG21 H  N N 274 
VAL HG22 H  N N 275 
VAL HG23 H  N N 276 
VAL HXT  H  N N 277 
# 
loop_
_chem_comp_bond.comp_id 
_chem_comp_bond.atom_id_1 
_chem_comp_bond.atom_id_2 
_chem_comp_bond.value_order 
_chem_comp_bond.pdbx_aromatic_flag 
_chem_comp_bond.pdbx_stereo_config 
_chem_comp_bond.pdbx_ordinal 
ALA N   CA   sing N N 1   
ALA N   H    sing N N 2   
ALA N   H2   sing N N 3   
ALA CA  C    sing N N 4   
ALA CA  CB   sing N N 5   
ALA CA  HA   sing N N 6   
ALA C   O    doub N N 7   
ALA C   OXT  sing N N 8   
ALA CB  HB1  sing N N 9   
ALA CB  HB2  sing N N 10  
ALA CB  HB3  sing N N 11  
ALA OXT HXT  sing N N 12  
ARG N   CA   sing N N 13  
ARG N   H    sing N N 14  
ARG N   H2   sing N N 15  
ARG CA  C    sing N N 16  
ARG CA  CB   sing N N 17  
ARG CA  HA   sing N N 18  
ARG C   O    doub N N 19  
ARG C   OXT  sing N N 20  
ARG CB  CG   sing N N 21  
ARG CB  HB2  sing N N 22  
ARG CB  HB3  sing N N 23  
ARG CG  CD   sing N N 24  
ARG CG  HG2  sing N N 25  
ARG CG  HG3  sing N N 26  
ARG CD  NE   sing N N 27  
ARG CD  HD2  sing N N 28  
ARG CD  HD3  sing N N 29  
ARG NE  CZ   sing N N 30  
ARG NE  HE   sing N N 31  
ARG CZ  NH1  sing N N 32  
ARG CZ  NH2  doub N N 33  
ARG NH1 HH11 sing N N 34  
ARG NH1 HH12 sing N N 35  
ARG NH2 HH21 sing N N 36  
ARG NH2 HH22 sing N N 37  
ARG OXT HXT  sing N N 38  
ASP N   CA   sing N N 39  
ASP N   H    sing N N 40  
ASP N   H2   sing N N 41  
ASP CA  C    sing N N 42  
ASP CA  CB   sing N N 43  
ASP CA  HA   sing N N 44  
ASP C   O    doub N N 45  
ASP C   OXT  sing N N 46  
ASP CB  CG   sing N N 47  
ASP CB  HB2  sing N N 48  
ASP CB  HB3  sing N N 49  
ASP CG  OD1  doub N N 50  
ASP CG  OD2  sing N N 51  
ASP OD2 HD2  sing N N 52  
ASP OXT HXT  sing N N 53  
GLU N   CA   sing N N 54  
GLU N   H    sing N N 55  
GLU N   H2   sing N N 56  
GLU CA  C    sing N N 57  
GLU CA  CB   sing N N 58  
GLU CA  HA   sing N N 59  
GLU C   O    doub N N 60  
GLU C   OXT  sing N N 61  
GLU CB  CG   sing N N 62  
GLU CB  HB2  sing N N 63  
GLU CB  HB3  sing N N 64  
GLU CG  CD   sing N N 65  
GLU CG  HG2  sing N N 66  
GLU CG  HG3  sing N N 67  
GLU CD  OE1  doub N N 68  
GLU CD  OE2  sing N N 69  
GLU OE2 HE2  sing N N 70  
GLU OXT HXT  sing N N 71  
GLY N   CA   sing N N 72  
GLY N   H    sing N N 73  
GLY N   H2   sing N N 74  
GLY CA  C    sing N N 75  
GLY CA  HA2  sing N N 76  
GLY CA  HA3  sing N N 77  
GLY C   O    doub N N 78  
GLY C   OXT  sing N N 79  
GLY OXT HXT  sing N N 80  
HIS N   CA   sing N N 81  
HIS N   H    sing N N 82  
HIS N   H2   sing N N 83  
HIS CA  C    sing N N 84  
HIS CA  CB   sing N N 85  
HIS CA  HA   sing N N 86  
HIS C   O    doub N N 87  
HIS C   OXT  sing N N 88  
HIS CB  CG   sing N N 89  
HIS CB  HB2  sing N N 90  
HIS CB  HB3  sing N N 91  
HIS CG  ND1  sing Y N 92  
HIS CG  CD2  doub Y N 93  
HIS ND1 CE1  doub Y N 94  
HIS ND1 HD1  sing N N 95  
HIS CD2 NE2  sing Y N 96  
HIS CD2 HD2  sing N N 97  
HIS CE1 NE2  sing Y N 98  
HIS CE1 HE1  sing N N 99  
HIS NE2 HE2  sing N N 100 
HIS OXT HXT  sing N N 101 
HOH O   H1   sing N N 102 
HOH O   H2   sing N N 103 
ILE N   CA   sing N N 104 
ILE N   H    sing N N 105 
ILE N   H2   sing N N 106 
ILE CA  C    sing N N 107 
ILE CA  CB   sing N N 108 
ILE CA  HA   sing N N 109 
ILE C   O    doub N N 110 
ILE C   OXT  sing N N 111 
ILE CB  CG1  sing N N 112 
ILE CB  CG2  sing N N 113 
ILE CB  HB   sing N N 114 
ILE CG1 CD1  sing N N 115 
ILE CG1 HG12 sing N N 116 
ILE CG1 HG13 sing N N 117 
ILE CG2 HG21 sing N N 118 
ILE CG2 HG22 sing N N 119 
ILE CG2 HG23 sing N N 120 
ILE CD1 HD11 sing N N 121 
ILE CD1 HD12 sing N N 122 
ILE CD1 HD13 sing N N 123 
ILE OXT HXT  sing N N 124 
LEU N   CA   sing N N 125 
LEU N   H    sing N N 126 
LEU N   H2   sing N N 127 
LEU CA  C    sing N N 128 
LEU CA  CB   sing N N 129 
LEU CA  HA   sing N N 130 
LEU C   O    doub N N 131 
LEU C   OXT  sing N N 132 
LEU CB  CG   sing N N 133 
LEU CB  HB2  sing N N 134 
LEU CB  HB3  sing N N 135 
LEU CG  CD1  sing N N 136 
LEU CG  CD2  sing N N 137 
LEU CG  HG   sing N N 138 
LEU CD1 HD11 sing N N 139 
LEU CD1 HD12 sing N N 140 
LEU CD1 HD13 sing N N 141 
LEU CD2 HD21 sing N N 142 
LEU CD2 HD22 sing N N 143 
LEU CD2 HD23 sing N N 144 
LEU OXT HXT  sing N N 145 
LYS N   CA   sing N N 146 
LYS N   H    sing N N 147 
LYS N   H2   sing N N 148 
LYS CA  C    sing N N 149 
LYS CA  CB   sing N N 150 
LYS CA  HA   sing N N 151 
LYS C   O    doub N N 152 
LYS C   OXT  sing N N 153 
LYS CB  CG   sing N N 154 
LYS CB  HB2  sing N N 155 
LYS CB  HB3  sing N N 156 
LYS CG  CD   sing N N 157 
LYS CG  HG2  sing N N 158 
LYS CG  HG3  sing N N 159 
LYS CD  CE   sing N N 160 
LYS CD  HD2  sing N N 161 
LYS CD  HD3  sing N N 162 
LYS CE  NZ   sing N N 163 
LYS CE  HE2  sing N N 164 
LYS CE  HE3  sing N N 165 
LYS NZ  HZ1  sing N N 166 
LYS NZ  HZ2  sing N N 167 
LYS NZ  HZ3  sing N N 168 
LYS OXT HXT  sing N N 169 
MET N   CA   sing N N 170 
MET N   H    sing N N 171 
MET N   H2   sing N N 172 
MET CA  C    sing N N 173 
MET CA  CB   sing N N 174 
MET CA  HA   sing N N 175 
MET C   O    doub N N 176 
MET C   OXT  sing N N 177 
MET CB  CG   sing N N 178 
MET CB  HB2  sing N N 179 
MET CB  HB3  sing N N 180 
MET CG  SD   sing N N 181 
MET CG  HG2  sing N N 182 
MET CG  HG3  sing N N 183 
MET SD  CE   sing N N 184 
MET CE  HE1  sing N N 185 
MET CE  HE2  sing N N 186 
MET CE  HE3  sing N N 187 
MET OXT HXT  sing N N 188 
PHE N   CA   sing N N 189 
PHE N   H    sing N N 190 
PHE N   H2   sing N N 191 
PHE CA  C    sing N N 192 
PHE CA  CB   sing N N 193 
PHE CA  HA   sing N N 194 
PHE C   O    doub N N 195 
PHE C   OXT  sing N N 196 
PHE CB  CG   sing N N 197 
PHE CB  HB2  sing N N 198 
PHE CB  HB3  sing N N 199 
PHE CG  CD1  doub Y N 200 
PHE CG  CD2  sing Y N 201 
PHE CD1 CE1  sing Y N 202 
PHE CD1 HD1  sing N N 203 
PHE CD2 CE2  doub Y N 204 
PHE CD2 HD2  sing N N 205 
PHE CE1 CZ   doub Y N 206 
PHE CE1 HE1  sing N N 207 
PHE CE2 CZ   sing Y N 208 
PHE CE2 HE2  sing N N 209 
PHE CZ  HZ   sing N N 210 
PHE OXT HXT  sing N N 211 
SER N   CA   sing N N 212 
SER N   H    sing N N 213 
SER N   H2   sing N N 214 
SER CA  C    sing N N 215 
SER CA  CB   sing N N 216 
SER CA  HA   sing N N 217 
SER C   O    doub N N 218 
SER C   OXT  sing N N 219 
SER CB  OG   sing N N 220 
SER CB  HB2  sing N N 221 
SER CB  HB3  sing N N 222 
SER OG  HG   sing N N 223 
SER OXT HXT  sing N N 224 
SO4 S   O1   doub N N 225 
SO4 S   O2   doub N N 226 
SO4 S   O3   sing N N 227 
SO4 S   O4   sing N N 228 
THR N   CA   sing N N 229 
THR N   H    sing N N 230 
THR N   H2   sing N N 231 
THR CA  C    sing N N 232 
THR CA  CB   sing N N 233 
THR CA  HA   sing N N 234 
THR C   O    doub N N 235 
THR C   OXT  sing N N 236 
THR CB  OG1  sing N N 237 
THR CB  CG2  sing N N 238 
THR CB  HB   sing N N 239 
THR OG1 HG1  sing N N 240 
THR CG2 HG21 sing N N 241 
THR CG2 HG22 sing N N 242 
THR CG2 HG23 sing N N 243 
THR OXT HXT  sing N N 244 
VAL N   CA   sing N N 245 
VAL N   H    sing N N 246 
VAL N   H2   sing N N 247 
VAL CA  C    sing N N 248 
VAL CA  CB   sing N N 249 
VAL CA  HA   sing N N 250 
VAL C   O    doub N N 251 
VAL C   OXT  sing N N 252 
VAL CB  CG1  sing N N 253 
VAL CB  CG2  sing N N 254 
VAL CB  HB   sing N N 255 
VAL CG1 HG11 sing N N 256 
VAL CG1 HG12 sing N N 257 
VAL CG1 HG13 sing N N 258 
VAL CG2 HG21 sing N N 259 
VAL CG2 HG22 sing N N 260 
VAL CG2 HG23 sing N N 261 
VAL OXT HXT  sing N N 262 
# 
loop_
_pdbx_entity_nonpoly.entity_id 
_pdbx_entity_nonpoly.name 
_pdbx_entity_nonpoly.comp_id 
2 'CALCIUM ION' CA  
3 'SULFATE ION' SO4 
4 water         HOH 
# 
_pdbx_initial_refinement_model.id               1 
_pdbx_initial_refinement_model.entity_id_list   ? 
_pdbx_initial_refinement_model.type             'experimental model' 
_pdbx_initial_refinement_model.source_name      PDB 
_pdbx_initial_refinement_model.accession_code   1RTP 
_pdbx_initial_refinement_model.details          'PDB ENTRY 1RTP' 
# 
